data_6AJ7
#
_entry.id   6AJ7
#
_cell.length_a   1.0
_cell.length_b   1.0
_cell.length_c   1.0
_cell.angle_alpha   90.00
_cell.angle_beta   90.00
_cell.angle_gamma   90.00
#
_symmetry.space_group_name_H-M   'P 1'
#
loop_
_entity.id
_entity.type
_entity.pdbx_description
1 polymer 'VL of Fab 15C5'
2 polymer 'VH of Fab 15C5'
3 polymer 'Capsid protein VP1'
4 polymer 'Capsid protein VP2'
5 polymer 'Capsid protein VP3'
#
loop_
_entity_poly.entity_id
_entity_poly.type
_entity_poly.pdbx_seq_one_letter_code
_entity_poly.pdbx_strand_id
1 'polypeptide(L)'
;DIQMIQSPSSMFASLGDRVSLSCRASQDIRGNLDWYQQKPGGTIKLLIYSTSNLNSGVPSRFSGSGSGSDYSLTISSLES
EDFADYYCLQRNAYPLTFGGGTKLEIK
;
L
2 'polypeptide(L)'
;QVQLQQSGTELAKPGASVKMSCKASGYTFTNYWMHWFKQRPGQGLEWIGYVNPNTDYTDYNHKFKDKATLTADKSSSTAY
MQLSSLTSEDSAVYFCARGTFGNYASFAYWGQGTLV
;
H
3 'polypeptide(L)'
;IESIIKTATDTVKSEINAELGVVPSLNAVETGATSNTEPEEAIQTRTVINQHGVSETLVENFLSRAALVSKRSFEYKDHT
SSAAQADKNFFKWTINTRSFVQLRRKLELFTYLRFDAEITILTTVAVNGSGNNTYVGLPDLTLQAMFVPTGALTPEKQDS
FHWQSGSNASVFFKISDPPARITIPFMCINSAYSVFYDGFAGFEKNGLYGINPADTIGNLCVRIVNEHQPVGFTVTVRVY
MKPKHIKAWAPRPPRTLPYMSIANANYKGKERAPNALNAIIGNRDSVKTMPHNIV
;
A
4 'polypeptide(L)'
;SPSAEACGYSDRVLQLKLGNSAIVTQEAANYCCAYGEWPNYLPDHEAVAIDKPTQPETATDRFYTLKSVKWETGSTGWWW
KLPDALNNIGMFGQNVQHHYLYRSGFLIHVQCNATKFHQGALLVVAIPEHQRGAHNTNTSPGFDDIMKGEEGGTFNHPYV
LDDGTSLACATIFPHQWINLRTNNSATIVLPWMNAAPMDFPLRHNQWTLAIIPVVPLGTRTTSSMVPITVSIAPMCCEFN
GLRHAITQ
;
B
5 'polypeptide(L)'
;GVPTYLLPGSGQFLTTDDHSSAPALPCFNPTPEMHIPGQVRNMLEVVQVESMMEINNTESAVGMERLKVDISALTDVDQL
LFNIPLDIQLDGPLRNTLVGNISRYYTHWSGSLEMTFMFCGSFMATGKLILCYTPPGGSCPTTRETAMLGTHIVWDFGLQ
SSVTLIIPWISGSHYRMFNNDAKSTNANVGYVTCFMQTNLIVPSESSDTCSLIGFIAAKDDFSLRLMRDSPDIGQLDHLH
AAEAAYQ
;
C
#
# COMPACT_ATOMS: atom_id res chain seq x y z
N ILE A 2 1.16 -31.25 36.02
CA ILE A 2 0.56 -29.97 35.68
C ILE A 2 -0.95 -30.13 35.59
N GLN A 3 -1.69 -29.14 36.12
CA GLN A 3 -3.15 -29.15 36.08
C GLN A 3 -3.63 -27.83 35.53
N MET A 4 -4.67 -27.88 34.71
CA MET A 4 -5.27 -26.69 34.14
C MET A 4 -6.74 -26.63 34.53
N ILE A 5 -7.19 -25.47 34.98
CA ILE A 5 -8.57 -25.27 35.38
C ILE A 5 -9.18 -24.19 34.50
N GLN A 6 -10.46 -24.33 34.19
CA GLN A 6 -11.20 -23.41 33.33
C GLN A 6 -12.36 -22.89 34.17
N SER A 7 -12.41 -21.57 34.36
CA SER A 7 -13.22 -20.99 35.42
C SER A 7 -14.73 -21.07 35.22
N PRO A 8 -15.34 -20.77 34.06
CA PRO A 8 -16.78 -21.02 33.94
C PRO A 8 -17.07 -22.49 33.67
N SER A 9 -18.11 -22.99 34.33
CA SER A 9 -18.52 -24.38 34.13
C SER A 9 -19.61 -24.50 33.07
N SER A 10 -20.46 -23.49 32.95
CA SER A 10 -21.48 -23.44 31.91
C SER A 10 -21.61 -22.01 31.41
N MET A 11 -22.19 -21.88 30.23
CA MET A 11 -22.33 -20.58 29.59
C MET A 11 -23.78 -20.40 29.16
N PHE A 12 -24.32 -19.23 29.44
CA PHE A 12 -25.71 -18.93 29.11
C PHE A 12 -25.82 -17.78 28.11
N VAL A 19 -18.94 -14.09 27.36
CA VAL A 19 -18.50 -14.99 26.29
C VAL A 19 -16.99 -15.01 26.21
N SER A 20 -16.34 -14.58 27.28
CA SER A 20 -14.90 -14.65 27.41
C SER A 20 -14.55 -15.82 28.31
N LEU A 21 -14.07 -16.92 27.71
CA LEU A 21 -13.81 -18.18 28.40
C LEU A 21 -12.32 -18.22 28.70
N SER A 22 -11.97 -18.12 29.97
CA SER A 22 -10.57 -18.07 30.39
C SER A 22 -10.18 -19.40 31.03
N CYS A 23 -8.90 -19.72 30.98
CA CYS A 23 -8.35 -20.88 31.67
C CYS A 23 -6.98 -20.54 32.20
N ARG A 24 -6.72 -20.90 33.46
CA ARG A 24 -5.43 -20.68 34.07
C ARG A 24 -4.50 -21.84 33.76
N ALA A 25 -3.37 -21.88 34.47
CA ALA A 25 -2.46 -23.01 34.43
C ALA A 25 -1.72 -23.08 35.75
N SER A 26 -1.20 -24.27 36.07
CA SER A 26 -0.43 -24.42 37.30
C SER A 26 0.94 -23.77 37.18
N GLN A 27 1.53 -23.80 35.99
CA GLN A 27 2.85 -23.24 35.75
C GLN A 27 2.76 -22.27 34.59
N ASP A 28 3.92 -21.85 34.09
CA ASP A 28 3.96 -21.11 32.84
C ASP A 28 4.11 -22.08 31.67
N ILE A 29 3.49 -21.73 30.54
CA ILE A 29 3.46 -22.61 29.39
C ILE A 29 3.98 -21.96 28.12
N ARG A 30 4.23 -20.64 28.14
CA ARG A 30 4.97 -19.91 27.11
C ARG A 30 4.32 -20.01 25.73
N GLY A 31 3.09 -19.51 25.64
CA GLY A 31 2.26 -19.84 24.50
C GLY A 31 1.80 -21.26 24.66
N ASN A 32 1.89 -22.04 23.58
CA ASN A 32 1.70 -23.50 23.58
C ASN A 32 0.32 -23.91 24.10
N LEU A 33 -0.74 -23.32 23.56
CA LEU A 33 -2.07 -23.69 23.97
C LEU A 33 -3.02 -23.66 22.78
N ASP A 34 -3.89 -24.67 22.71
CA ASP A 34 -4.83 -24.84 21.61
C ASP A 34 -6.26 -24.81 22.14
N TRP A 35 -7.18 -24.40 21.28
CA TRP A 35 -8.61 -24.35 21.63
C TRP A 35 -9.38 -25.27 20.70
N TYR A 36 -10.11 -26.22 21.28
CA TYR A 36 -10.89 -27.20 20.54
C TYR A 36 -12.37 -26.95 20.77
N GLN A 37 -13.19 -27.59 19.94
CA GLN A 37 -14.64 -27.52 20.09
C GLN A 37 -15.23 -28.84 19.67
N GLN A 38 -16.31 -29.24 20.34
CA GLN A 38 -16.92 -30.55 20.09
C GLN A 38 -18.39 -30.36 19.77
N LYS A 39 -18.76 -30.67 18.53
CA LYS A 39 -20.16 -30.69 18.16
C LYS A 39 -20.86 -31.85 18.86
N PRO A 40 -22.16 -31.72 19.15
CA PRO A 40 -22.89 -32.83 19.81
C PRO A 40 -23.06 -34.06 18.93
N GLY A 41 -22.84 -33.96 17.62
CA GLY A 41 -22.80 -35.15 16.80
C GLY A 41 -21.60 -36.02 17.09
N GLY A 42 -20.48 -35.41 17.48
CA GLY A 42 -19.30 -36.15 17.87
C GLY A 42 -18.05 -35.76 17.12
N THR A 43 -18.12 -34.68 16.34
CA THR A 43 -17.00 -34.21 15.53
C THR A 43 -16.23 -33.14 16.29
N ILE A 44 -14.90 -33.19 16.21
CA ILE A 44 -14.02 -32.25 16.87
C ILE A 44 -13.09 -31.64 15.84
N LYS A 45 -12.97 -30.31 15.85
CA LYS A 45 -11.95 -29.63 15.08
C LYS A 45 -11.41 -28.48 15.93
N LEU A 46 -10.15 -28.14 15.72
CA LEU A 46 -9.55 -27.10 16.52
C LEU A 46 -9.89 -25.73 15.96
N LEU A 47 -9.75 -24.72 16.80
CA LEU A 47 -10.08 -23.35 16.42
C LEU A 47 -8.88 -22.43 16.45
N ILE A 48 -8.13 -22.44 17.55
CA ILE A 48 -6.97 -21.57 17.77
C ILE A 48 -5.78 -22.47 18.04
N TYR A 49 -4.66 -22.21 17.38
CA TYR A 49 -3.42 -22.90 17.70
C TYR A 49 -2.33 -21.87 18.01
N SER A 50 -1.46 -22.23 18.96
CA SER A 50 -0.42 -21.36 19.51
C SER A 50 -0.99 -20.04 20.01
N THR A 51 -2.15 -20.14 20.69
CA THR A 51 -2.85 -19.20 21.57
C THR A 51 -3.33 -17.91 20.89
N SER A 52 -2.96 -17.68 19.65
CA SER A 52 -3.42 -16.48 18.95
C SER A 52 -3.80 -16.69 17.49
N ASN A 53 -3.24 -17.70 16.82
CA ASN A 53 -3.49 -17.85 15.39
C ASN A 53 -4.83 -18.53 15.16
N LEU A 54 -5.31 -18.47 13.94
CA LEU A 54 -6.59 -19.05 13.61
C LEU A 54 -6.39 -20.20 12.63
N ASN A 55 -7.24 -21.22 12.74
CA ASN A 55 -7.16 -22.35 11.83
C ASN A 55 -7.66 -21.95 10.45
N SER A 56 -7.20 -22.67 9.43
CA SER A 56 -7.62 -22.42 8.06
C SER A 56 -9.01 -23.00 7.85
N GLY A 57 -10.00 -22.13 7.81
CA GLY A 57 -11.38 -22.54 7.63
C GLY A 57 -12.30 -22.24 8.80
N VAL A 58 -12.01 -21.25 9.62
CA VAL A 58 -12.82 -20.90 10.77
C VAL A 58 -13.46 -19.55 10.49
N PRO A 59 -14.68 -19.28 10.96
CA PRO A 59 -15.19 -17.91 10.94
C PRO A 59 -14.33 -17.00 11.82
N SER A 60 -14.05 -15.80 11.31
CA SER A 60 -13.01 -14.95 11.87
C SER A 60 -13.45 -14.17 13.11
N ARG A 61 -14.58 -14.53 13.74
CA ARG A 61 -14.99 -13.86 14.96
C ARG A 61 -14.26 -14.37 16.19
N PHE A 62 -13.62 -15.53 16.11
CA PHE A 62 -12.88 -16.05 17.25
C PHE A 62 -11.53 -15.36 17.37
N SER A 63 -11.07 -15.22 18.61
CA SER A 63 -9.75 -14.65 18.88
C SER A 63 -9.32 -15.08 20.28
N GLY A 64 -8.02 -15.21 20.46
CA GLY A 64 -7.45 -15.64 21.73
C GLY A 64 -6.49 -14.62 22.29
N SER A 65 -6.42 -14.56 23.62
CA SER A 65 -5.50 -13.67 24.31
C SER A 65 -4.23 -14.42 24.67
N GLY A 66 -3.26 -13.67 25.17
CA GLY A 66 -1.97 -14.23 25.50
C GLY A 66 -1.40 -13.58 26.74
N SER A 67 -0.72 -14.40 27.54
CA SER A 67 -0.10 -13.97 28.78
C SER A 67 1.01 -14.97 29.11
N GLY A 68 1.45 -14.97 30.36
CA GLY A 68 2.38 -15.99 30.80
C GLY A 68 1.67 -17.27 31.20
N SER A 69 0.57 -17.15 31.93
CA SER A 69 -0.10 -18.32 32.49
C SER A 69 -1.62 -18.31 32.41
N ASP A 70 -2.27 -17.21 32.04
CA ASP A 70 -3.73 -17.10 32.07
C ASP A 70 -4.22 -16.73 30.67
N TYR A 71 -4.80 -17.69 29.95
CA TYR A 71 -5.20 -17.47 28.56
C TYR A 71 -6.71 -17.47 28.46
N SER A 72 -7.23 -16.89 27.38
CA SER A 72 -8.66 -16.73 27.26
C SER A 72 -9.07 -16.65 25.79
N LEU A 73 -10.32 -17.00 25.54
CA LEU A 73 -10.93 -16.96 24.21
C LEU A 73 -11.95 -15.84 24.17
N THR A 74 -12.06 -15.19 23.01
CA THR A 74 -12.98 -14.06 22.84
C THR A 74 -13.85 -14.33 21.62
N ILE A 75 -15.16 -14.33 21.82
CA ILE A 75 -16.13 -14.48 20.75
C ILE A 75 -16.95 -13.20 20.67
N SER A 76 -17.08 -12.63 19.47
CA SER A 76 -17.80 -11.37 19.34
C SER A 76 -19.31 -11.60 19.30
N SER A 77 -19.79 -12.31 18.29
CA SER A 77 -21.21 -12.58 18.11
C SER A 77 -21.49 -14.06 18.27
N LEU A 78 -22.72 -14.38 18.64
CA LEU A 78 -23.12 -15.76 18.87
C LEU A 78 -23.95 -16.25 17.69
N GLU A 79 -24.22 -17.55 17.70
CA GLU A 79 -24.92 -18.21 16.60
C GLU A 79 -25.50 -19.51 17.15
N SER A 80 -26.35 -20.16 16.36
CA SER A 80 -27.05 -21.37 16.83
C SER A 80 -26.10 -22.55 16.98
N GLU A 81 -25.41 -22.95 15.91
CA GLU A 81 -24.50 -24.08 16.00
C GLU A 81 -23.13 -23.70 16.53
N ASP A 82 -22.96 -22.45 16.97
CA ASP A 82 -21.82 -22.07 17.79
C ASP A 82 -21.89 -22.68 19.18
N PHE A 83 -23.06 -23.13 19.60
CA PHE A 83 -23.31 -23.67 20.94
C PHE A 83 -22.67 -25.06 21.05
N ALA A 84 -21.48 -25.11 21.64
CA ALA A 84 -20.77 -26.37 21.83
C ALA A 84 -19.77 -26.20 22.95
N ASP A 85 -19.45 -27.32 23.61
CA ASP A 85 -18.49 -27.31 24.70
C ASP A 85 -17.06 -27.11 24.18
N TYR A 86 -16.33 -26.18 24.80
CA TYR A 86 -15.02 -25.76 24.33
C TYR A 86 -13.95 -26.25 25.30
N TYR A 87 -12.89 -26.85 24.77
CA TYR A 87 -11.81 -27.40 25.56
C TYR A 87 -10.51 -26.65 25.28
N CYS A 88 -9.53 -26.87 26.14
CA CYS A 88 -8.19 -26.33 25.95
C CYS A 88 -7.19 -27.48 26.04
N LEU A 89 -5.92 -27.16 25.81
CA LEU A 89 -4.84 -28.15 25.78
C LEU A 89 -3.51 -27.42 25.91
N GLN A 90 -2.66 -27.92 26.79
CA GLN A 90 -1.27 -27.47 26.82
C GLN A 90 -0.40 -28.56 26.20
N ARG A 91 0.43 -28.17 25.24
CA ARG A 91 1.35 -29.10 24.61
C ARG A 91 2.79 -28.87 25.06
N ASN A 92 2.98 -28.25 26.22
CA ASN A 92 4.31 -27.85 26.65
C ASN A 92 5.12 -29.05 27.10
N ALA A 93 4.60 -29.84 28.03
CA ALA A 93 5.35 -30.97 28.57
C ALA A 93 4.43 -32.17 28.72
N TYR A 94 4.95 -33.33 28.34
CA TYR A 94 4.20 -34.57 28.52
C TYR A 94 4.17 -34.94 30.00
N PRO A 95 3.03 -35.45 30.51
CA PRO A 95 1.73 -35.74 29.89
C PRO A 95 0.89 -34.50 29.62
N LEU A 96 0.32 -34.41 28.43
CA LEU A 96 -0.45 -33.24 28.05
C LEU A 96 -1.90 -33.37 28.51
N THR A 97 -2.43 -32.31 29.13
CA THR A 97 -3.69 -32.34 29.83
C THR A 97 -4.66 -31.34 29.22
N PHE A 98 -5.94 -31.74 29.16
CA PHE A 98 -6.99 -30.83 28.73
C PHE A 98 -7.51 -30.02 29.91
N GLY A 99 -8.63 -29.31 29.67
CA GLY A 99 -9.35 -28.63 30.71
C GLY A 99 -10.73 -29.22 30.92
N GLY A 100 -11.50 -28.55 31.77
CA GLY A 100 -12.82 -29.04 32.12
C GLY A 100 -13.86 -28.85 31.03
N GLY A 101 -13.88 -27.68 30.42
CA GLY A 101 -14.86 -27.40 29.40
C GLY A 101 -16.00 -26.55 29.95
N THR A 102 -16.67 -25.85 29.05
CA THR A 102 -17.83 -25.04 29.39
C THR A 102 -19.06 -25.58 28.70
N LYS A 103 -20.21 -24.95 28.98
CA LYS A 103 -21.48 -25.15 28.27
C LYS A 103 -21.98 -26.59 28.24
N GLN B 1 -7.28 -36.58 0.73
CA GLN B 1 -8.16 -36.39 1.88
C GLN B 1 -7.78 -37.31 3.03
N VAL B 2 -7.66 -36.75 4.23
CA VAL B 2 -7.22 -37.49 5.40
C VAL B 2 -8.45 -38.02 6.13
N GLN B 3 -8.50 -39.34 6.33
CA GLN B 3 -9.61 -40.00 7.00
C GLN B 3 -9.06 -40.95 8.05
N LEU B 4 -9.69 -40.95 9.22
CA LEU B 4 -9.30 -41.83 10.33
C LEU B 4 -10.53 -42.67 10.67
N GLN B 5 -10.61 -43.86 10.08
CA GLN B 5 -11.78 -44.72 10.22
C GLN B 5 -11.53 -45.75 11.33
N GLN B 6 -12.30 -45.67 12.40
CA GLN B 6 -12.21 -46.63 13.49
C GLN B 6 -13.24 -47.74 13.33
N SER B 7 -13.09 -48.76 14.15
CA SER B 7 -13.99 -49.90 14.12
C SER B 7 -15.30 -49.57 14.83
N GLY B 8 -16.27 -50.45 14.68
CA GLY B 8 -17.54 -50.32 15.38
C GLY B 8 -17.38 -50.64 16.85
N THR B 9 -18.45 -50.34 17.60
CA THR B 9 -18.41 -50.50 19.04
C THR B 9 -18.49 -51.98 19.44
N GLU B 10 -17.99 -52.26 20.64
CA GLU B 10 -18.09 -53.59 21.22
C GLU B 10 -18.01 -53.47 22.74
N LEU B 11 -18.42 -54.55 23.41
CA LEU B 11 -18.45 -54.60 24.86
C LEU B 11 -17.92 -55.95 25.31
N ALA B 12 -17.53 -56.02 26.58
CA ALA B 12 -16.92 -57.21 27.11
C ALA B 12 -17.20 -57.35 28.60
N LYS B 13 -17.26 -58.60 29.06
CA LYS B 13 -17.37 -58.90 30.48
C LYS B 13 -16.06 -58.54 31.19
N PRO B 14 -16.10 -58.26 32.49
CA PRO B 14 -14.87 -57.93 33.22
C PRO B 14 -13.91 -59.11 33.28
N GLY B 15 -12.64 -58.78 33.47
CA GLY B 15 -11.59 -59.78 33.49
C GLY B 15 -11.03 -60.15 32.14
N ALA B 16 -11.48 -59.51 31.07
CA ALA B 16 -11.08 -59.84 29.70
C ALA B 16 -10.23 -58.72 29.12
N SER B 17 -9.89 -58.87 27.84
CA SER B 17 -9.16 -57.85 27.09
C SER B 17 -9.91 -57.59 25.79
N VAL B 18 -9.50 -56.53 25.09
CA VAL B 18 -10.15 -56.10 23.86
C VAL B 18 -9.12 -55.35 23.02
N LYS B 19 -9.30 -55.37 21.70
CA LYS B 19 -8.40 -54.71 20.78
C LYS B 19 -9.19 -53.96 19.73
N MET B 20 -8.75 -52.73 19.42
CA MET B 20 -9.41 -51.88 18.45
C MET B 20 -8.41 -51.48 17.37
N SER B 21 -8.87 -50.66 16.43
CA SER B 21 -8.04 -50.25 15.31
C SER B 21 -8.48 -48.89 14.81
N CYS B 22 -7.51 -48.13 14.31
CA CYS B 22 -7.73 -46.79 13.74
C CYS B 22 -7.04 -46.75 12.39
N LYS B 23 -7.75 -47.18 11.35
CA LYS B 23 -7.16 -47.30 10.02
C LYS B 23 -7.13 -45.94 9.33
N ALA B 24 -5.95 -45.55 8.83
CA ALA B 24 -5.73 -44.25 8.24
C ALA B 24 -5.43 -44.37 6.76
N SER B 25 -5.96 -43.42 5.98
CA SER B 25 -5.74 -43.42 4.54
C SER B 25 -5.81 -42.00 4.03
N GLY B 26 -4.96 -41.68 3.06
CA GLY B 26 -4.90 -40.35 2.49
C GLY B 26 -3.58 -39.64 2.68
N TYR B 27 -2.61 -40.27 3.35
CA TYR B 27 -1.31 -39.66 3.58
C TYR B 27 -0.27 -40.76 3.76
N THR B 28 0.98 -40.35 3.91
CA THR B 28 2.06 -41.29 4.15
C THR B 28 2.08 -41.66 5.62
N PHE B 29 1.85 -42.94 5.92
CA PHE B 29 1.55 -43.36 7.29
C PHE B 29 2.75 -43.30 8.21
N THR B 30 3.96 -43.50 7.69
CA THR B 30 5.14 -43.64 8.53
C THR B 30 5.78 -42.31 8.92
N ASN B 31 5.07 -41.20 8.77
CA ASN B 31 5.66 -39.91 9.12
C ASN B 31 5.04 -39.27 10.35
N TYR B 32 3.89 -39.72 10.82
CA TYR B 32 3.14 -39.01 11.83
C TYR B 32 2.85 -39.90 13.03
N TRP B 33 2.88 -39.32 14.22
CA TRP B 33 2.60 -40.08 15.42
C TRP B 33 1.09 -40.24 15.57
N MET B 34 0.69 -41.28 16.28
CA MET B 34 -0.72 -41.66 16.40
C MET B 34 -1.11 -41.64 17.87
N HIS B 35 -1.72 -40.55 18.31
CA HIS B 35 -2.11 -40.36 19.69
C HIS B 35 -3.48 -40.97 19.95
N TRP B 36 -3.70 -41.41 21.20
CA TRP B 36 -4.93 -42.07 21.61
C TRP B 36 -5.50 -41.39 22.84
N PHE B 37 -6.83 -41.25 22.87
CA PHE B 37 -7.52 -40.47 23.89
C PHE B 37 -8.60 -41.28 24.57
N LYS B 38 -9.10 -40.76 25.69
CA LYS B 38 -10.12 -41.40 26.50
C LYS B 38 -11.07 -40.36 27.06
N GLN B 39 -12.37 -40.54 26.84
CA GLN B 39 -13.39 -39.65 27.38
C GLN B 39 -14.45 -40.46 28.09
N ARG B 40 -14.52 -40.35 29.41
CA ARG B 40 -15.64 -40.89 30.15
C ARG B 40 -16.91 -40.15 29.76
N PRO B 41 -18.07 -40.82 29.73
CA PRO B 41 -19.28 -40.16 29.23
C PRO B 41 -19.80 -39.07 30.16
N GLY B 42 -19.63 -37.82 29.74
CA GLY B 42 -20.05 -36.67 30.51
C GLY B 42 -18.93 -35.86 31.12
N GLN B 43 -17.68 -36.19 30.85
CA GLN B 43 -16.54 -35.52 31.44
C GLN B 43 -15.55 -35.11 30.36
N GLY B 44 -14.39 -34.62 30.78
CA GLY B 44 -13.35 -34.22 29.88
C GLY B 44 -12.55 -35.40 29.38
N LEU B 45 -11.55 -35.10 28.56
CA LEU B 45 -10.77 -36.14 27.91
C LEU B 45 -9.43 -36.32 28.61
N GLU B 46 -8.69 -37.33 28.17
CA GLU B 46 -7.45 -37.72 28.85
C GLU B 46 -6.51 -38.38 27.86
N TRP B 47 -5.24 -38.01 27.93
CA TRP B 47 -4.23 -38.54 27.02
C TRP B 47 -3.75 -39.89 27.52
N ILE B 48 -3.73 -40.88 26.62
CA ILE B 48 -3.26 -42.23 26.94
C ILE B 48 -1.81 -42.43 26.54
N GLY B 49 -1.49 -42.13 25.29
CA GLY B 49 -0.14 -42.31 24.79
C GLY B 49 -0.15 -42.28 23.29
N TYR B 50 1.04 -42.44 22.71
CA TYR B 50 1.16 -42.46 21.26
C TYR B 50 2.02 -43.64 20.83
N VAL B 51 2.09 -43.82 19.52
CA VAL B 51 2.97 -44.79 18.91
C VAL B 51 3.66 -44.12 17.74
N ASN B 52 4.95 -44.42 17.56
CA ASN B 52 5.71 -43.82 16.47
C ASN B 52 5.89 -44.89 15.41
N PRO B 53 5.09 -44.90 14.34
CA PRO B 53 5.14 -46.01 13.38
C PRO B 53 6.39 -46.05 12.53
N ASN B 54 7.25 -45.04 12.60
CA ASN B 54 8.54 -45.06 11.92
C ASN B 54 9.57 -45.88 12.70
N THR B 55 9.37 -46.03 14.01
CA THR B 55 10.36 -46.62 14.90
C THR B 55 9.78 -47.65 15.88
N ASP B 56 8.45 -47.63 16.09
CA ASP B 56 7.74 -48.40 17.12
C ASP B 56 8.26 -48.11 18.52
N TYR B 57 8.51 -46.83 18.81
CA TYR B 57 8.68 -46.39 20.19
C TYR B 57 7.38 -45.82 20.70
N THR B 58 6.99 -46.22 21.90
CA THR B 58 5.75 -45.76 22.51
C THR B 58 6.05 -45.04 23.82
N ASP B 59 5.20 -44.10 24.17
CA ASP B 59 5.32 -43.34 25.41
C ASP B 59 3.93 -43.20 26.01
N TYR B 60 3.76 -43.73 27.21
CA TYR B 60 2.45 -43.87 27.84
C TYR B 60 2.27 -42.82 28.92
N ASN B 61 1.02 -42.54 29.23
CA ASN B 61 0.71 -41.77 30.43
C ASN B 61 0.95 -42.67 31.64
N HIS B 62 1.20 -42.04 32.80
CA HIS B 62 1.57 -42.83 33.97
C HIS B 62 0.40 -43.61 34.55
N LYS B 63 -0.83 -43.13 34.33
CA LYS B 63 -1.99 -43.86 34.82
C LYS B 63 -2.25 -45.10 33.99
N PHE B 64 -1.96 -45.04 32.69
CA PHE B 64 -2.27 -46.12 31.75
C PHE B 64 -1.05 -46.92 31.38
N LYS B 65 -0.13 -47.11 32.33
CA LYS B 65 1.09 -47.85 32.03
C LYS B 65 0.82 -49.35 31.93
N ASP B 66 -0.03 -49.88 32.80
CA ASP B 66 -0.31 -51.30 32.83
C ASP B 66 -1.56 -51.70 32.08
N LYS B 67 -2.43 -50.75 31.75
CA LYS B 67 -3.69 -51.08 31.09
C LYS B 67 -3.49 -51.36 29.61
N ALA B 68 -3.00 -50.38 28.87
CA ALA B 68 -3.03 -50.40 27.41
C ALA B 68 -1.65 -50.63 26.84
N THR B 69 -1.62 -51.32 25.70
CA THR B 69 -0.43 -51.44 24.86
C THR B 69 -0.72 -50.83 23.50
N LEU B 70 0.33 -50.44 22.79
CA LEU B 70 0.18 -49.70 21.55
C LEU B 70 1.11 -50.29 20.49
N THR B 71 0.53 -50.70 19.36
CA THR B 71 1.29 -51.21 18.24
C THR B 71 0.92 -50.43 16.99
N ALA B 72 1.64 -50.71 15.91
CA ALA B 72 1.41 -50.02 14.64
C ALA B 72 1.87 -50.91 13.50
N ASP B 73 1.03 -51.05 12.49
CA ASP B 73 1.33 -51.88 11.32
C ASP B 73 1.60 -50.97 10.13
N LYS B 74 2.64 -51.30 9.37
CA LYS B 74 2.99 -50.51 8.21
C LYS B 74 2.29 -50.98 6.95
N SER B 75 2.08 -52.29 6.81
CA SER B 75 1.54 -52.83 5.57
C SER B 75 0.05 -52.51 5.44
N SER B 76 -0.73 -52.83 6.46
CA SER B 76 -2.15 -52.58 6.43
C SER B 76 -2.52 -51.13 6.76
N SER B 77 -1.54 -50.33 7.18
CA SER B 77 -1.70 -48.91 7.52
C SER B 77 -2.76 -48.71 8.60
N THR B 78 -2.52 -49.37 9.74
CA THR B 78 -3.51 -49.46 10.80
C THR B 78 -2.81 -49.46 12.15
N ALA B 79 -3.25 -48.59 13.05
CA ALA B 79 -2.74 -48.55 14.41
C ALA B 79 -3.71 -49.23 15.36
N TYR B 80 -3.18 -50.04 16.27
CA TYR B 80 -3.97 -50.84 17.18
C TYR B 80 -3.76 -50.37 18.61
N MET B 81 -4.69 -50.74 19.48
CA MET B 81 -4.54 -50.49 20.91
C MET B 81 -5.31 -51.57 21.66
N GLN B 82 -4.60 -52.28 22.54
CA GLN B 82 -5.16 -53.42 23.25
C GLN B 82 -5.19 -53.12 24.74
N LEU B 83 -6.36 -53.25 25.34
CA LEU B 83 -6.51 -53.08 26.77
C LEU B 83 -6.24 -54.41 27.49
N SER B 84 -6.30 -54.38 28.81
CA SER B 84 -6.10 -55.57 29.61
C SER B 84 -6.75 -55.38 30.97
N SER B 85 -7.36 -56.46 31.47
CA SER B 85 -8.02 -56.54 32.79
C SER B 85 -9.10 -55.46 32.93
N LEU B 86 -10.13 -55.63 32.09
CA LEU B 86 -11.22 -54.66 32.03
C LEU B 86 -12.02 -54.65 33.33
N THR B 87 -12.42 -53.45 33.75
CA THR B 87 -13.23 -53.26 34.95
C THR B 87 -14.50 -52.52 34.59
N SER B 88 -15.21 -52.03 35.59
CA SER B 88 -16.44 -51.29 35.35
C SER B 88 -16.20 -49.87 34.89
N GLU B 89 -15.05 -49.29 35.22
CA GLU B 89 -14.77 -47.89 34.92
C GLU B 89 -14.12 -47.68 33.57
N ASP B 90 -13.95 -48.74 32.78
CA ASP B 90 -13.36 -48.63 31.45
C ASP B 90 -14.39 -48.33 30.38
N SER B 91 -15.66 -48.16 30.74
CA SER B 91 -16.69 -47.85 29.76
C SER B 91 -16.55 -46.39 29.34
N ALA B 92 -16.04 -46.16 28.14
CA ALA B 92 -15.77 -44.81 27.65
C ALA B 92 -15.71 -44.86 26.13
N VAL B 93 -15.54 -43.69 25.53
CA VAL B 93 -15.24 -43.59 24.09
C VAL B 93 -13.75 -43.34 23.94
N TYR B 94 -13.16 -43.99 22.95
CA TYR B 94 -11.71 -43.92 22.71
C TYR B 94 -11.47 -43.33 21.34
N PHE B 95 -10.59 -42.35 21.26
CA PHE B 95 -10.33 -41.61 20.04
C PHE B 95 -8.96 -41.96 19.49
N CYS B 96 -8.68 -41.44 18.29
CA CYS B 96 -7.36 -41.47 17.71
C CYS B 96 -7.15 -40.22 16.89
N ALA B 97 -6.02 -39.57 17.07
CA ALA B 97 -5.72 -38.33 16.40
C ALA B 97 -4.38 -38.46 15.67
N ARG B 98 -4.00 -37.40 14.96
CA ARG B 98 -2.76 -37.43 14.19
C ARG B 98 -1.92 -36.23 14.60
N GLY B 99 -0.61 -36.43 14.71
CA GLY B 99 0.27 -35.36 15.09
C GLY B 99 0.52 -34.40 13.93
N THR B 100 1.77 -33.97 13.84
CA THR B 100 2.20 -33.09 12.77
C THR B 100 3.48 -33.70 12.18
N PHE B 101 3.97 -33.13 11.08
CA PHE B 101 5.21 -33.61 10.47
C PHE B 101 6.38 -33.39 11.42
N GLY B 102 6.64 -32.14 11.79
CA GLY B 102 7.46 -31.89 12.97
C GLY B 102 6.70 -32.33 14.20
N ASN B 103 7.40 -32.99 15.12
CA ASN B 103 6.75 -33.76 16.18
C ASN B 103 6.16 -32.83 17.24
N TYR B 104 5.04 -32.20 16.87
CA TYR B 104 4.29 -31.33 17.75
C TYR B 104 2.93 -31.95 18.01
N ALA B 105 2.34 -31.65 19.17
CA ALA B 105 1.04 -32.21 19.53
C ALA B 105 -0.05 -31.16 19.36
N SER B 106 -0.44 -30.96 18.11
CA SER B 106 -1.64 -30.18 17.79
C SER B 106 -2.41 -30.96 16.75
N PHE B 107 -3.64 -31.30 17.06
CA PHE B 107 -4.36 -32.33 16.34
C PHE B 107 -5.39 -31.72 15.41
N ALA B 108 -5.24 -31.97 14.12
CA ALA B 108 -6.17 -31.48 13.13
C ALA B 108 -7.07 -32.55 12.54
N TYR B 109 -6.72 -33.83 12.68
CA TYR B 109 -7.52 -34.91 12.13
C TYR B 109 -7.81 -35.95 13.20
N TRP B 110 -9.05 -36.45 13.21
CA TRP B 110 -9.60 -37.18 14.35
C TRP B 110 -10.36 -38.40 13.86
N GLY B 111 -10.63 -39.32 14.79
CA GLY B 111 -11.53 -40.43 14.55
C GLY B 111 -12.92 -40.11 15.04
N GLN B 112 -13.83 -41.08 14.86
CA GLN B 112 -15.21 -40.88 15.26
C GLN B 112 -15.51 -41.39 16.66
N GLY B 113 -14.73 -42.33 17.18
CA GLY B 113 -14.99 -42.82 18.51
C GLY B 113 -15.52 -44.24 18.50
N THR B 114 -15.26 -44.96 19.59
CA THR B 114 -15.64 -46.36 19.72
C THR B 114 -15.96 -46.63 21.18
N LEU B 115 -17.22 -46.91 21.47
CA LEU B 115 -17.62 -47.16 22.84
C LEU B 115 -17.10 -48.51 23.32
N VAL B 116 -17.00 -48.65 24.64
CA VAL B 116 -16.62 -49.92 25.25
C VAL B 116 -17.71 -50.35 26.22
N ALA C 42 -20.63 -13.47 -20.45
CA ALA C 42 -19.22 -13.51 -20.08
C ALA C 42 -18.44 -14.45 -21.00
N ILE C 43 -18.14 -13.96 -22.19
CA ILE C 43 -17.42 -14.73 -23.20
C ILE C 43 -15.95 -14.33 -23.13
N GLN C 44 -15.07 -15.33 -23.03
CA GLN C 44 -13.65 -15.11 -22.82
C GLN C 44 -12.89 -15.37 -24.11
N THR C 45 -12.36 -14.32 -24.71
CA THR C 45 -11.72 -14.38 -26.01
C THR C 45 -10.24 -14.05 -25.90
N ARG C 46 -9.53 -14.21 -27.01
CA ARG C 46 -8.11 -13.92 -27.12
C ARG C 46 -7.80 -13.39 -28.50
N THR C 47 -6.68 -12.67 -28.63
CA THR C 47 -6.12 -12.31 -29.93
C THR C 47 -4.64 -12.02 -29.73
N VAL C 48 -3.79 -12.50 -30.64
CA VAL C 48 -2.37 -12.18 -30.58
C VAL C 48 -2.16 -10.72 -30.94
N ILE C 49 -1.14 -10.11 -30.34
CA ILE C 49 -0.89 -8.67 -30.47
C ILE C 49 0.57 -8.47 -30.85
N ASN C 50 0.81 -7.75 -31.93
CA ASN C 50 2.15 -7.34 -32.30
C ASN C 50 2.25 -5.83 -32.37
N GLN C 51 3.18 -5.27 -31.59
CA GLN C 51 3.34 -3.83 -31.47
C GLN C 51 4.81 -3.47 -31.61
N HIS C 52 5.06 -2.22 -32.00
CA HIS C 52 6.42 -1.70 -31.99
C HIS C 52 6.55 -0.31 -31.37
N GLY C 53 5.44 0.39 -31.13
CA GLY C 53 5.51 1.79 -30.82
C GLY C 53 5.88 2.07 -29.37
N VAL C 54 6.79 3.03 -29.21
CA VAL C 54 7.12 3.56 -27.90
C VAL C 54 6.62 4.99 -27.71
N SER C 55 6.49 5.76 -28.78
CA SER C 55 6.23 7.19 -28.70
C SER C 55 4.77 7.54 -28.43
N GLU C 56 3.99 6.63 -27.87
CA GLU C 56 2.62 6.93 -27.51
C GLU C 56 2.46 7.20 -26.02
N THR C 57 3.39 6.72 -25.20
CA THR C 57 3.36 6.94 -23.77
C THR C 57 4.21 8.13 -23.33
N LEU C 58 4.64 8.97 -24.27
CA LEU C 58 5.41 10.15 -23.90
C LEU C 58 4.52 11.12 -23.13
N VAL C 59 5.14 11.89 -22.23
CA VAL C 59 4.38 12.82 -21.40
C VAL C 59 3.84 13.98 -22.23
N GLU C 60 4.51 14.30 -23.34
CA GLU C 60 4.05 15.38 -24.23
C GLU C 60 2.69 15.05 -24.83
N ASN C 61 2.45 13.79 -25.20
CA ASN C 61 1.15 13.37 -25.68
C ASN C 61 0.46 12.38 -24.74
N PHE C 62 0.78 12.44 -23.45
CA PHE C 62 -0.05 11.85 -22.41
C PHE C 62 -1.03 12.85 -21.86
N LEU C 63 -0.67 14.14 -21.90
CA LEU C 63 -1.52 15.24 -21.45
C LEU C 63 -1.55 16.29 -22.57
N SER C 64 -2.34 16.02 -23.60
CA SER C 64 -2.57 17.02 -24.64
C SER C 64 -3.96 16.86 -25.22
N ARG C 65 -4.96 16.67 -24.37
CA ARG C 65 -6.20 16.05 -24.84
C ARG C 65 -7.41 16.98 -24.77
N ALA C 66 -7.26 18.19 -24.19
CA ALA C 66 -8.27 19.25 -24.19
C ALA C 66 -9.55 18.81 -23.48
N ALA C 67 -9.43 18.57 -22.18
CA ALA C 67 -10.57 18.19 -21.38
C ALA C 67 -11.36 19.42 -20.94
N LEU C 68 -12.62 19.17 -20.59
CA LEU C 68 -13.50 20.24 -20.12
C LEU C 68 -13.13 20.58 -18.68
N VAL C 69 -13.13 21.87 -18.35
CA VAL C 69 -12.76 22.29 -17.00
C VAL C 69 -13.81 23.16 -16.33
N SER C 70 -14.76 23.74 -17.05
CA SER C 70 -15.78 24.56 -16.41
C SER C 70 -17.07 24.51 -17.22
N LYS C 71 -18.19 24.60 -16.51
CA LYS C 71 -19.50 24.60 -17.17
C LYS C 71 -20.49 25.26 -16.21
N ARG C 72 -20.92 26.47 -16.53
CA ARG C 72 -21.80 27.22 -15.65
C ARG C 72 -22.68 28.14 -16.47
N SER C 73 -23.96 28.21 -16.10
CA SER C 73 -24.93 29.02 -16.81
C SER C 73 -25.24 30.30 -16.04
N PHE C 74 -25.69 31.31 -16.77
CA PHE C 74 -26.14 32.55 -16.16
C PHE C 74 -27.25 33.15 -17.00
N GLU C 75 -28.22 33.77 -16.35
CA GLU C 75 -29.35 34.37 -17.04
C GLU C 75 -29.21 35.88 -17.10
N TYR C 76 -29.45 36.44 -18.28
CA TYR C 76 -29.36 37.87 -18.52
C TYR C 76 -30.74 38.42 -18.82
N LYS C 77 -31.16 39.40 -18.04
CA LYS C 77 -32.48 39.99 -18.19
C LYS C 77 -32.52 41.40 -17.63
N LYS C 88 -25.76 38.42 -10.07
CA LYS C 88 -24.75 37.79 -10.89
C LYS C 88 -25.24 37.58 -12.31
N ASN C 89 -24.81 38.45 -13.22
CA ASN C 89 -25.22 38.39 -14.62
C ASN C 89 -24.05 38.03 -15.53
N PHE C 90 -22.98 37.46 -14.98
CA PHE C 90 -21.82 37.14 -15.78
C PHE C 90 -21.13 35.92 -15.18
N PHE C 91 -20.07 35.48 -15.83
CA PHE C 91 -19.42 34.21 -15.57
C PHE C 91 -17.99 34.47 -15.10
N LYS C 92 -17.72 34.23 -13.82
CA LYS C 92 -16.38 34.40 -13.27
C LYS C 92 -15.87 33.06 -12.79
N TRP C 93 -14.63 32.72 -13.14
CA TRP C 93 -14.08 31.42 -12.81
C TRP C 93 -12.57 31.51 -12.65
N THR C 94 -12.08 31.15 -11.47
CA THR C 94 -10.64 31.05 -11.22
C THR C 94 -10.08 29.86 -12.01
N ILE C 95 -8.81 29.94 -12.40
CA ILE C 95 -8.27 29.05 -13.43
C ILE C 95 -7.57 27.88 -12.74
N ASN C 96 -8.11 27.45 -11.59
CA ASN C 96 -7.67 26.19 -11.01
C ASN C 96 -7.99 25.03 -11.93
N THR C 97 -7.26 23.93 -11.77
CA THR C 97 -7.44 22.78 -12.64
C THR C 97 -8.04 21.57 -11.94
N ARG C 98 -8.15 21.61 -10.60
CA ARG C 98 -8.64 20.47 -9.84
C ARG C 98 -10.15 20.57 -9.57
N SER C 99 -10.90 20.80 -10.64
CA SER C 99 -12.35 20.91 -10.54
C SER C 99 -13.08 19.63 -10.90
N PHE C 100 -12.58 18.89 -11.88
CA PHE C 100 -13.15 17.60 -12.28
C PHE C 100 -12.15 16.51 -11.96
N VAL C 101 -12.65 15.41 -11.37
CA VAL C 101 -11.75 14.37 -10.86
C VAL C 101 -11.24 13.43 -11.93
N GLN C 102 -11.74 13.54 -13.17
CA GLN C 102 -11.15 12.76 -14.25
C GLN C 102 -9.76 13.26 -14.60
N LEU C 103 -9.56 14.59 -14.55
CA LEU C 103 -8.30 15.20 -14.90
C LEU C 103 -7.47 15.59 -13.68
N ARG C 104 -8.07 15.60 -12.49
CA ARG C 104 -7.30 15.86 -11.28
C ARG C 104 -6.42 14.69 -10.90
N ARG C 105 -6.95 13.47 -10.99
CA ARG C 105 -6.15 12.28 -10.66
C ARG C 105 -5.02 12.08 -11.65
N LYS C 106 -5.28 12.36 -12.93
CA LYS C 106 -4.26 12.19 -13.97
C LYS C 106 -3.15 13.21 -13.83
N LEU C 107 -3.45 14.36 -13.24
CA LEU C 107 -2.48 15.44 -13.11
C LEU C 107 -1.67 15.33 -11.83
N GLU C 108 -2.12 14.53 -10.86
CA GLU C 108 -1.44 14.36 -9.59
C GLU C 108 -0.55 13.13 -9.55
N LEU C 109 -0.14 12.61 -10.70
CA LEU C 109 0.92 11.61 -10.67
C LEU C 109 2.29 12.25 -10.54
N PHE C 110 2.41 13.56 -10.73
CA PHE C 110 3.68 14.24 -10.77
C PHE C 110 3.73 15.29 -9.66
N THR C 111 4.93 15.76 -9.34
CA THR C 111 5.03 16.78 -8.30
C THR C 111 5.09 18.18 -8.90
N TYR C 112 5.98 18.39 -9.87
CA TYR C 112 6.13 19.68 -10.53
C TYR C 112 5.92 19.49 -12.02
N LEU C 113 5.18 20.39 -12.65
CA LEU C 113 5.10 20.38 -14.10
C LEU C 113 4.89 21.79 -14.63
N ARG C 114 5.05 21.94 -15.94
CA ARG C 114 5.19 23.24 -16.58
C ARG C 114 4.56 23.20 -17.96
N PHE C 115 3.60 24.09 -18.22
CA PHE C 115 2.84 23.99 -19.47
C PHE C 115 2.24 25.34 -19.84
N ASP C 116 1.42 25.34 -20.88
CA ASP C 116 0.63 26.48 -21.35
C ASP C 116 -0.85 26.10 -21.36
N ALA C 117 -1.73 27.08 -21.56
CA ALA C 117 -3.13 26.86 -21.22
C ALA C 117 -3.98 26.42 -22.41
N GLU C 118 -4.06 27.24 -23.46
CA GLU C 118 -4.87 26.99 -24.67
C GLU C 118 -6.36 26.89 -24.34
N ILE C 119 -6.93 28.02 -23.95
CA ILE C 119 -8.34 28.09 -23.55
C ILE C 119 -9.22 28.22 -24.77
N THR C 120 -10.33 27.46 -24.80
CA THR C 120 -11.32 27.56 -25.86
C THR C 120 -12.72 27.71 -25.25
N ILE C 121 -13.36 28.84 -25.49
CA ILE C 121 -14.65 29.17 -24.88
C ILE C 121 -15.75 28.89 -25.88
N LEU C 122 -16.71 28.06 -25.50
CA LEU C 122 -17.77 27.63 -26.39
C LEU C 122 -19.12 27.99 -25.78
N THR C 123 -19.79 28.98 -26.36
CA THR C 123 -21.01 29.55 -25.81
C THR C 123 -22.22 29.13 -26.64
N THR C 124 -23.23 28.59 -25.96
CA THR C 124 -24.46 28.15 -26.62
C THR C 124 -25.66 28.85 -26.02
N VAL C 125 -26.20 29.89 -26.65
CA VAL C 125 -27.36 30.69 -26.14
C VAL C 125 -28.82 30.17 -26.34
N ALA C 126 -29.78 30.70 -25.54
CA ALA C 126 -31.24 30.54 -25.80
C ALA C 126 -32.16 31.71 -25.31
N VAL C 127 -33.37 31.87 -25.88
CA VAL C 127 -34.27 32.94 -25.48
C VAL C 127 -35.40 32.38 -24.64
N ASN C 128 -35.57 32.95 -23.45
CA ASN C 128 -36.59 32.47 -22.53
C ASN C 128 -37.60 33.57 -22.26
N VAL C 136 -37.72 33.77 -30.59
CA VAL C 136 -37.17 32.47 -30.97
C VAL C 136 -35.79 32.69 -31.59
N GLY C 137 -35.64 33.80 -32.29
CA GLY C 137 -34.34 34.17 -32.86
C GLY C 137 -33.68 35.27 -32.07
N LEU C 138 -32.36 35.19 -31.91
CA LEU C 138 -31.62 36.13 -31.10
C LEU C 138 -30.80 37.06 -31.97
N PRO C 139 -30.88 38.37 -31.77
CA PRO C 139 -30.16 39.29 -32.65
C PRO C 139 -28.69 39.51 -32.30
N ASP C 140 -27.79 38.81 -33.01
CA ASP C 140 -26.38 39.17 -33.18
C ASP C 140 -25.64 39.44 -31.87
N LEU C 141 -25.67 38.46 -30.95
CA LEU C 141 -25.09 38.68 -29.64
C LEU C 141 -23.57 38.73 -29.71
N THR C 142 -23.00 39.67 -28.95
CA THR C 142 -21.56 39.87 -28.90
C THR C 142 -21.10 39.66 -27.47
N LEU C 143 -20.00 38.96 -27.29
CA LEU C 143 -19.52 38.64 -25.96
C LEU C 143 -18.13 39.24 -25.75
N GLN C 144 -17.71 39.27 -24.50
CA GLN C 144 -16.38 39.72 -24.13
C GLN C 144 -15.83 38.75 -23.11
N ALA C 145 -14.59 38.31 -23.27
CA ALA C 145 -13.96 37.36 -22.35
C ALA C 145 -12.64 37.92 -21.86
N MET C 146 -12.69 38.71 -20.79
CA MET C 146 -11.51 39.39 -20.28
C MET C 146 -10.75 38.47 -19.34
N PHE C 147 -9.43 38.43 -19.50
CA PHE C 147 -8.55 37.61 -18.68
C PHE C 147 -7.84 38.49 -17.65
N VAL C 148 -8.11 38.24 -16.37
CA VAL C 148 -7.62 39.10 -15.30
C VAL C 148 -6.52 38.39 -14.52
N PRO C 149 -5.25 38.77 -14.69
CA PRO C 149 -4.20 38.14 -13.90
C PRO C 149 -4.15 38.65 -12.47
N THR C 150 -3.14 38.25 -11.70
CA THR C 150 -3.02 38.73 -10.34
C THR C 150 -2.45 40.13 -10.31
N GLY C 151 -2.94 40.93 -9.39
CA GLY C 151 -2.57 42.31 -9.30
C GLY C 151 -3.52 43.26 -10.00
N ALA C 152 -4.34 42.76 -10.92
CA ALA C 152 -5.38 43.54 -11.55
C ALA C 152 -6.73 43.18 -10.92
N LEU C 153 -7.63 44.16 -10.89
CA LEU C 153 -8.90 43.99 -10.22
C LEU C 153 -9.92 43.33 -11.13
N THR C 154 -10.80 42.54 -10.53
CA THR C 154 -11.87 41.78 -11.15
C THR C 154 -13.19 42.56 -11.09
N PRO C 155 -13.98 42.53 -12.14
CA PRO C 155 -15.25 43.27 -12.13
C PRO C 155 -16.29 42.57 -11.27
N GLU C 156 -17.03 43.38 -10.51
CA GLU C 156 -18.05 42.87 -9.60
C GLU C 156 -19.46 43.04 -10.13
N LYS C 157 -19.65 43.85 -11.16
CA LYS C 157 -20.94 44.11 -11.76
C LYS C 157 -20.73 44.10 -13.26
N GLN C 158 -21.81 43.94 -14.02
CA GLN C 158 -21.69 43.83 -15.47
C GLN C 158 -21.22 45.13 -16.10
N ASP C 159 -21.75 46.27 -15.68
CA ASP C 159 -21.37 47.55 -16.27
C ASP C 159 -20.33 48.30 -15.45
N SER C 160 -19.37 47.58 -14.87
CA SER C 160 -18.31 48.22 -14.10
C SER C 160 -17.32 48.90 -15.03
N PHE C 161 -16.47 49.74 -14.44
CA PHE C 161 -15.42 50.39 -15.19
C PHE C 161 -14.18 49.54 -15.34
N HIS C 162 -14.20 48.32 -14.82
CA HIS C 162 -13.07 47.41 -14.96
C HIS C 162 -13.12 46.63 -16.27
N TRP C 163 -14.23 46.65 -16.97
CA TRP C 163 -14.30 46.05 -18.29
C TRP C 163 -13.63 46.92 -19.35
N GLN C 164 -13.51 48.21 -19.09
CA GLN C 164 -12.90 49.16 -20.01
C GLN C 164 -11.39 49.27 -19.81
N SER C 165 -10.83 48.46 -18.92
CA SER C 165 -9.41 48.56 -18.60
C SER C 165 -8.59 48.03 -19.76
N GLY C 166 -7.63 48.85 -20.21
CA GLY C 166 -6.89 48.50 -21.41
C GLY C 166 -5.84 47.44 -21.17
N SER C 167 -5.35 47.33 -19.93
CA SER C 167 -4.10 46.63 -19.66
C SER C 167 -4.23 45.13 -19.79
N ASN C 168 -5.40 44.57 -19.46
CA ASN C 168 -5.60 43.12 -19.55
C ASN C 168 -6.30 42.73 -20.85
N ALA C 169 -5.97 41.55 -21.35
CA ALA C 169 -6.37 41.18 -22.71
C ALA C 169 -7.80 40.68 -22.76
N SER C 170 -8.50 41.02 -23.84
CA SER C 170 -9.90 40.71 -24.00
C SER C 170 -10.18 40.33 -25.44
N VAL C 171 -11.11 39.41 -25.64
CA VAL C 171 -11.56 39.04 -26.98
C VAL C 171 -13.02 39.45 -27.12
N PHE C 172 -13.43 39.67 -28.36
CA PHE C 172 -14.79 40.08 -28.69
C PHE C 172 -15.30 39.18 -29.80
N PHE C 173 -16.13 38.21 -29.46
CA PHE C 173 -16.54 37.20 -30.42
C PHE C 173 -18.06 37.08 -30.46
N LYS C 174 -18.61 36.94 -31.66
CA LYS C 174 -20.03 36.74 -31.85
C LYS C 174 -20.41 35.30 -31.51
N ILE C 175 -21.70 35.02 -31.53
CA ILE C 175 -22.17 33.65 -31.36
C ILE C 175 -22.01 32.87 -32.66
N SER C 176 -22.25 33.52 -33.80
CA SER C 176 -22.25 32.84 -35.08
C SER C 176 -20.86 32.43 -35.56
N ASP C 177 -19.80 32.96 -34.95
CA ASP C 177 -18.44 32.62 -35.33
C ASP C 177 -18.08 31.22 -34.83
N PRO C 178 -16.99 30.64 -35.32
CA PRO C 178 -16.33 29.54 -34.59
C PRO C 178 -15.85 30.01 -33.23
N PRO C 179 -15.70 29.12 -32.25
CA PRO C 179 -15.46 29.56 -30.87
C PRO C 179 -14.11 30.23 -30.67
N ALA C 180 -14.04 31.03 -29.61
CA ALA C 180 -12.87 31.83 -29.33
C ALA C 180 -11.73 30.96 -28.81
N ARG C 181 -10.52 31.49 -28.90
CA ARG C 181 -9.32 30.72 -28.56
C ARG C 181 -8.17 31.68 -28.30
N ILE C 182 -7.59 31.60 -27.11
CA ILE C 182 -6.36 32.28 -26.75
C ILE C 182 -5.48 31.30 -26.00
N THR C 183 -4.17 31.44 -26.16
CA THR C 183 -3.23 30.66 -25.38
C THR C 183 -2.55 31.57 -24.36
N ILE C 184 -2.28 31.01 -23.18
CA ILE C 184 -1.83 31.76 -22.02
C ILE C 184 -0.47 31.22 -21.63
N PRO C 185 0.55 32.06 -21.48
CA PRO C 185 1.90 31.57 -21.19
C PRO C 185 2.03 31.07 -19.75
N PHE C 186 3.22 30.56 -19.43
CA PHE C 186 3.53 30.06 -18.10
C PHE C 186 3.72 31.23 -17.14
N MET C 187 2.72 31.50 -16.30
CA MET C 187 2.73 32.67 -15.43
C MET C 187 2.87 32.33 -13.97
N CYS C 188 3.71 31.35 -13.64
CA CYS C 188 4.17 31.19 -12.28
C CYS C 188 5.46 32.00 -12.10
N ILE C 189 5.76 32.35 -10.85
CA ILE C 189 7.02 33.04 -10.59
C ILE C 189 8.06 32.13 -9.96
N ASN C 190 7.75 30.85 -9.80
CA ASN C 190 8.78 29.83 -9.61
C ASN C 190 9.17 29.31 -10.99
N SER C 191 9.82 28.15 -11.03
CA SER C 191 10.16 27.54 -12.31
C SER C 191 9.17 26.45 -12.74
N ALA C 192 8.23 26.07 -11.87
CA ALA C 192 7.26 25.03 -12.18
C ALA C 192 6.08 25.16 -11.24
N TYR C 193 4.93 24.61 -11.67
CA TYR C 193 3.74 24.61 -10.84
C TYR C 193 3.87 23.54 -9.77
N SER C 194 3.84 23.94 -8.51
CA SER C 194 3.84 22.98 -7.41
C SER C 194 2.43 22.43 -7.27
N VAL C 195 2.25 21.17 -7.68
CA VAL C 195 0.96 20.53 -7.50
C VAL C 195 0.70 20.25 -6.03
N PHE C 196 1.65 19.60 -5.36
CA PHE C 196 1.58 19.35 -3.93
C PHE C 196 2.52 20.30 -3.23
N TYR C 197 2.00 21.09 -2.31
CA TYR C 197 2.76 22.07 -1.56
C TYR C 197 2.64 21.75 -0.09
N ASP C 198 3.76 21.43 0.55
CA ASP C 198 3.78 21.05 1.95
C ASP C 198 4.14 22.24 2.83
N GLY C 199 3.27 23.24 2.83
CA GLY C 199 3.63 24.41 3.61
C GLY C 199 2.45 25.32 3.84
N PHE C 200 2.75 26.47 4.43
CA PHE C 200 1.75 27.45 4.81
C PHE C 200 2.05 28.77 4.12
N ALA C 201 1.04 29.35 3.48
CA ALA C 201 1.16 30.72 3.02
C ALA C 201 1.06 31.68 4.21
N GLY C 202 0.03 31.50 5.03
CA GLY C 202 -0.07 32.27 6.26
C GLY C 202 0.95 31.82 7.27
N PHE C 203 1.72 32.78 7.78
CA PHE C 203 2.89 32.44 8.58
C PHE C 203 2.52 32.11 10.02
N GLU C 204 1.68 32.93 10.65
CA GLU C 204 1.66 33.04 12.11
C GLU C 204 1.18 31.79 12.87
N LYS C 205 -0.12 31.51 12.90
CA LYS C 205 -0.68 30.24 13.35
C LYS C 205 -1.91 29.87 12.54
N ASN C 206 -2.38 30.76 11.68
CA ASN C 206 -3.66 30.59 10.98
C ASN C 206 -3.41 30.95 9.51
N GLY C 207 -2.93 29.97 8.77
CA GLY C 207 -2.88 30.06 7.32
C GLY C 207 -3.42 28.77 6.76
N LEU C 208 -3.95 28.85 5.55
CA LEU C 208 -4.52 27.66 4.96
C LEU C 208 -3.39 26.76 4.45
N TYR C 209 -3.46 25.49 4.83
CA TYR C 209 -2.39 24.55 4.58
C TYR C 209 -2.37 24.15 3.11
N GLY C 210 -1.21 24.29 2.47
CA GLY C 210 -1.03 23.82 1.12
C GLY C 210 -1.47 24.76 0.04
N ILE C 211 -1.53 26.06 0.29
CA ILE C 211 -1.78 27.05 -0.74
C ILE C 211 -0.49 27.78 -1.03
N ASN C 212 0.02 27.59 -2.23
CA ASN C 212 1.26 28.24 -2.66
C ASN C 212 0.91 29.60 -3.23
N PRO C 213 1.44 30.70 -2.68
CA PRO C 213 1.10 32.02 -3.23
C PRO C 213 1.70 32.29 -4.60
N ALA C 214 2.72 31.55 -4.99
CA ALA C 214 3.32 31.72 -6.31
C ALA C 214 2.62 30.91 -7.38
N ASP C 215 1.64 30.08 -7.02
CA ASP C 215 1.09 29.09 -7.93
C ASP C 215 -0.06 29.61 -8.77
N THR C 216 -0.68 30.73 -8.36
CA THR C 216 -1.92 31.16 -8.97
C THR C 216 -1.69 31.74 -10.36
N ILE C 217 -2.76 31.72 -11.16
CA ILE C 217 -2.72 32.15 -12.56
C ILE C 217 -3.56 33.40 -12.77
N GLY C 218 -4.85 33.33 -12.51
CA GLY C 218 -5.75 34.45 -12.72
C GLY C 218 -7.18 33.97 -12.72
N ASN C 219 -8.03 34.69 -13.43
CA ASN C 219 -9.42 34.30 -13.65
C ASN C 219 -9.95 35.03 -14.87
N LEU C 220 -10.92 34.41 -15.54
CA LEU C 220 -11.51 35.00 -16.74
C LEU C 220 -12.98 35.30 -16.51
N CYS C 221 -13.47 36.33 -17.18
CA CYS C 221 -14.81 36.84 -16.94
C CYS C 221 -15.52 37.09 -18.27
N VAL C 222 -16.73 36.55 -18.42
CA VAL C 222 -17.46 36.54 -19.68
C VAL C 222 -18.75 37.34 -19.53
N ARG C 223 -19.01 38.24 -20.47
CA ARG C 223 -20.08 39.23 -20.37
C ARG C 223 -20.80 39.39 -21.70
N ILE C 224 -22.12 39.47 -21.67
CA ILE C 224 -22.91 39.91 -22.82
C ILE C 224 -22.70 41.41 -22.99
N VAL C 225 -22.25 41.82 -24.17
CA VAL C 225 -21.89 43.22 -24.37
C VAL C 225 -23.14 44.10 -24.52
N ASN C 226 -24.19 43.55 -25.12
CA ASN C 226 -25.33 44.32 -25.61
C ASN C 226 -26.13 44.98 -24.48
N GLU C 227 -26.97 45.92 -24.88
CA GLU C 227 -27.82 46.70 -23.99
C GLU C 227 -28.97 45.81 -23.49
N HIS C 228 -29.74 46.32 -22.51
CA HIS C 228 -30.97 45.68 -22.09
C HIS C 228 -31.95 45.60 -23.26
N GLN C 229 -32.36 44.38 -23.59
CA GLN C 229 -33.29 44.07 -24.66
C GLN C 229 -34.60 43.55 -24.07
N PRO C 230 -35.73 43.70 -24.79
CA PRO C 230 -37.01 43.22 -24.23
C PRO C 230 -37.13 41.72 -24.12
N VAL C 231 -36.23 40.94 -24.71
CA VAL C 231 -36.21 39.50 -24.51
C VAL C 231 -35.14 39.16 -23.48
N GLY C 232 -35.41 38.13 -22.69
CA GLY C 232 -34.48 37.63 -21.70
C GLY C 232 -34.05 36.20 -22.05
N PHE C 233 -32.75 35.98 -22.06
CA PHE C 233 -32.18 34.75 -22.58
C PHE C 233 -31.16 34.15 -21.62
N THR C 234 -30.92 32.85 -21.80
CA THR C 234 -30.08 32.05 -20.91
C THR C 234 -28.82 31.62 -21.65
N VAL C 235 -27.67 31.88 -21.05
CA VAL C 235 -26.37 31.64 -21.68
C VAL C 235 -25.66 30.52 -20.94
N THR C 236 -25.06 29.59 -21.68
CA THR C 236 -24.32 28.48 -21.10
C THR C 236 -22.90 28.49 -21.66
N VAL C 237 -21.91 28.50 -20.76
CA VAL C 237 -20.51 28.66 -21.15
C VAL C 237 -19.75 27.39 -20.79
N ARG C 238 -18.99 26.87 -21.75
CA ARG C 238 -18.11 25.72 -21.54
C ARG C 238 -16.69 26.14 -21.88
N VAL C 239 -15.73 25.71 -21.07
CA VAL C 239 -14.33 26.10 -21.23
C VAL C 239 -13.50 24.85 -21.37
N TYR C 240 -12.70 24.76 -22.43
CA TYR C 240 -11.85 23.61 -22.70
C TYR C 240 -10.39 24.04 -22.64
N MET C 241 -9.61 23.38 -21.80
CA MET C 241 -8.20 23.72 -21.59
C MET C 241 -7.32 22.58 -22.08
N LYS C 242 -6.29 22.92 -22.84
CA LYS C 242 -5.44 21.93 -23.50
C LYS C 242 -3.98 22.22 -23.18
N PRO C 243 -3.35 21.45 -22.29
CA PRO C 243 -1.98 21.76 -21.89
C PRO C 243 -0.96 21.48 -22.99
N LYS C 244 -0.12 22.47 -23.26
CA LYS C 244 0.90 22.39 -24.30
C LYS C 244 2.28 22.53 -23.70
N HIS C 245 3.25 21.87 -24.35
CA HIS C 245 4.68 21.91 -23.99
C HIS C 245 4.92 21.43 -22.55
N ILE C 246 4.60 20.16 -22.32
CA ILE C 246 4.66 19.59 -20.98
C ILE C 246 6.11 19.28 -20.62
N LYS C 247 6.50 19.61 -19.39
CA LYS C 247 7.74 19.13 -18.79
C LYS C 247 7.41 18.73 -17.36
N ALA C 248 7.37 17.44 -17.06
CA ALA C 248 6.92 16.97 -15.76
C ALA C 248 8.07 16.29 -15.00
N TRP C 249 8.10 16.51 -13.69
CA TRP C 249 9.16 16.01 -12.81
C TRP C 249 8.58 15.19 -11.69
N ALA C 250 9.40 14.29 -11.13
CA ALA C 250 9.20 13.59 -9.86
C ALA C 250 7.89 12.83 -9.73
N PRO C 251 7.75 11.65 -10.34
CA PRO C 251 6.47 10.94 -10.31
C PRO C 251 6.10 10.43 -8.91
N ARG C 252 4.80 10.29 -8.68
CA ARG C 252 4.20 9.98 -7.39
C ARG C 252 3.17 8.88 -7.56
N PRO C 253 2.85 8.13 -6.49
CA PRO C 253 1.88 7.04 -6.64
C PRO C 253 0.47 7.58 -6.81
N PRO C 254 -0.38 6.89 -7.56
CA PRO C 254 -1.71 7.42 -7.84
C PRO C 254 -2.70 7.16 -6.70
N ARG C 255 -3.72 8.01 -6.65
CA ARG C 255 -4.66 7.99 -5.54
C ARG C 255 -5.79 7.00 -5.78
N THR C 256 -6.09 6.20 -4.75
CA THR C 256 -7.13 5.17 -4.80
C THR C 256 -8.42 5.58 -4.11
N LEU C 257 -8.37 6.18 -2.92
CA LEU C 257 -9.57 6.58 -2.22
C LEU C 257 -10.18 7.83 -2.86
N PRO C 258 -11.52 7.98 -2.81
CA PRO C 258 -12.15 9.11 -3.49
C PRO C 258 -11.90 10.43 -2.79
N TYR C 259 -12.01 11.50 -3.57
CA TYR C 259 -11.73 12.84 -3.07
C TYR C 259 -12.87 13.33 -2.19
N MET C 260 -12.57 14.24 -1.28
CA MET C 260 -13.58 14.76 -0.37
C MET C 260 -13.75 16.28 -0.50
N SER C 261 -12.70 17.02 -0.84
CA SER C 261 -12.81 18.45 -0.99
C SER C 261 -11.97 18.93 -2.15
N ILE C 262 -12.13 20.21 -2.49
CA ILE C 262 -11.38 20.78 -3.60
C ILE C 262 -10.12 21.46 -3.09
N ALA C 263 -10.01 21.64 -1.77
CA ALA C 263 -8.92 22.44 -1.24
C ALA C 263 -7.75 21.58 -0.79
N ASN C 264 -8.03 20.33 -0.38
CA ASN C 264 -7.05 19.51 0.28
C ASN C 264 -7.24 18.04 -0.03
N ALA C 265 -6.31 17.22 0.46
CA ALA C 265 -6.33 15.78 0.19
C ALA C 265 -6.84 15.02 1.41
N ASN C 266 -8.14 15.10 1.64
CA ASN C 266 -8.78 14.33 2.69
C ASN C 266 -9.31 13.01 2.15
N TYR C 267 -9.76 12.15 3.07
CA TYR C 267 -10.30 10.84 2.71
C TYR C 267 -11.20 10.29 3.82
N LEU D 14 35.25 2.41 8.18
CA LEU D 14 33.91 2.13 8.67
C LEU D 14 33.42 3.21 9.62
N GLN D 15 33.68 4.47 9.28
CA GLN D 15 33.19 5.58 10.09
C GLN D 15 32.90 6.74 9.17
N LEU D 16 32.03 7.63 9.63
CA LEU D 16 31.58 8.77 8.85
C LEU D 16 32.03 10.02 9.59
N LYS D 17 33.29 10.40 9.40
CA LYS D 17 33.85 11.56 10.06
C LYS D 17 33.45 12.79 9.25
N LEU D 18 32.46 13.52 9.74
CA LEU D 18 31.99 14.73 9.06
C LEU D 18 32.10 15.89 10.04
N GLY D 19 33.20 16.63 9.96
CA GLY D 19 33.36 17.83 10.73
C GLY D 19 33.72 17.60 12.18
N ASN D 20 32.83 18.00 13.08
CA ASN D 20 33.05 17.92 14.51
C ASN D 20 32.79 16.53 15.05
N SER D 21 31.74 15.86 14.58
CA SER D 21 31.36 14.55 15.09
C SER D 21 31.64 13.47 14.06
N ALA D 22 31.50 12.23 14.50
CA ALA D 22 31.79 11.07 13.68
C ALA D 22 31.01 9.88 14.18
N ILE D 23 30.07 9.39 13.37
CA ILE D 23 29.36 8.16 13.66
C ILE D 23 30.25 7.01 13.22
N VAL D 24 30.76 6.27 14.19
CA VAL D 24 31.78 5.27 13.95
C VAL D 24 31.14 3.89 13.88
N THR D 25 31.89 2.95 13.33
CA THR D 25 31.66 1.49 13.41
C THR D 25 30.31 1.07 12.84
N GLN D 26 30.04 1.43 11.59
CA GLN D 26 28.85 0.94 10.92
C GLN D 26 29.07 -0.43 10.26
N GLU D 27 27.98 -0.91 9.66
CA GLU D 27 28.00 -2.06 8.77
C GLU D 27 28.31 -1.52 7.35
N ALA D 28 28.61 -2.40 6.39
CA ALA D 28 28.91 -1.92 5.04
C ALA D 28 27.64 -1.22 4.52
N ALA D 29 27.82 -0.06 3.89
CA ALA D 29 26.68 0.72 3.39
C ALA D 29 26.97 1.42 2.05
N ASN D 30 25.91 1.76 1.32
CA ASN D 30 26.04 2.44 0.02
C ASN D 30 25.31 3.79 -0.07
N TYR D 31 26.01 4.80 -0.58
CA TYR D 31 25.47 6.15 -0.76
C TYR D 31 24.52 6.13 -1.95
N CYS D 32 23.32 5.60 -1.75
CA CYS D 32 22.36 5.59 -2.85
C CYS D 32 21.82 7.01 -2.96
N CYS D 33 22.29 7.73 -3.96
CA CYS D 33 21.83 9.11 -4.10
C CYS D 33 20.37 9.14 -4.47
N ALA D 34 19.56 9.95 -3.79
CA ALA D 34 18.18 10.04 -4.19
C ALA D 34 18.28 10.57 -5.62
N TYR D 35 17.56 9.94 -6.54
CA TYR D 35 17.61 10.27 -7.96
C TYR D 35 19.06 10.21 -8.43
N GLY D 36 19.53 11.21 -9.15
CA GLY D 36 20.91 11.20 -9.62
C GLY D 36 21.80 12.37 -9.26
N GLU D 37 21.50 13.12 -8.20
CA GLU D 37 22.36 14.28 -7.90
C GLU D 37 22.72 14.62 -6.44
N TRP D 38 23.81 15.38 -6.30
CA TRP D 38 24.32 15.91 -5.04
C TRP D 38 23.85 17.37 -4.82
N PRO D 39 24.29 18.01 -3.74
CA PRO D 39 23.86 19.39 -3.44
C PRO D 39 24.22 20.45 -4.51
N ASN D 40 25.46 20.51 -4.96
CA ASN D 40 25.83 21.38 -6.08
C ASN D 40 26.14 22.86 -5.87
N TYR D 41 25.84 23.39 -4.69
CA TYR D 41 26.18 24.79 -4.34
C TYR D 41 25.74 25.98 -5.22
N LEU D 42 24.52 25.98 -5.77
CA LEU D 42 24.02 27.14 -6.56
C LEU D 42 24.90 27.63 -7.73
N PRO D 43 25.00 26.86 -8.81
CA PRO D 43 25.96 27.19 -9.88
C PRO D 43 25.91 28.61 -10.46
N ASP D 44 24.77 29.19 -10.80
CA ASP D 44 24.82 30.58 -11.25
C ASP D 44 23.46 31.26 -11.22
N HIS D 45 23.20 32.02 -10.16
CA HIS D 45 22.02 32.85 -10.07
C HIS D 45 22.43 34.17 -9.41
N GLU D 46 22.75 35.15 -10.26
CA GLU D 46 22.95 36.51 -9.79
C GLU D 46 21.67 37.32 -9.98
N ALA D 47 20.68 36.73 -10.65
CA ALA D 47 19.40 37.41 -10.86
C ALA D 47 18.52 37.36 -9.63
N VAL D 48 18.84 36.53 -8.65
CA VAL D 48 17.99 36.43 -7.46
C VAL D 48 18.71 36.62 -6.14
N ALA D 49 18.16 37.47 -5.27
CA ALA D 49 18.73 37.72 -3.93
C ALA D 49 20.21 38.02 -4.02
N ILE D 50 20.58 39.07 -4.76
CA ILE D 50 21.99 39.33 -5.00
C ILE D 50 22.84 40.00 -3.92
N ASP D 51 22.92 39.31 -2.79
CA ASP D 51 23.79 39.61 -1.68
C ASP D 51 24.39 38.22 -1.67
N LYS D 52 25.68 38.07 -1.93
CA LYS D 52 26.15 36.70 -2.10
C LYS D 52 25.97 35.85 -0.85
N PRO D 53 25.46 34.62 -1.03
CA PRO D 53 25.22 33.73 0.09
C PRO D 53 26.49 33.54 0.90
N THR D 54 26.31 33.58 2.21
CA THR D 54 27.44 33.45 3.14
C THR D 54 28.17 32.13 2.97
N GLN D 55 27.44 31.07 2.58
CA GLN D 55 27.83 29.66 2.46
C GLN D 55 28.67 29.14 3.63
N PRO D 56 28.08 28.92 4.80
CA PRO D 56 28.82 28.26 5.88
C PRO D 56 29.03 26.78 5.57
N GLU D 57 30.23 26.32 5.84
CA GLU D 57 30.56 24.95 5.47
C GLU D 57 31.16 24.15 6.62
N THR D 58 31.88 24.81 7.52
CA THR D 58 32.62 24.07 8.53
C THR D 58 31.84 23.93 9.84
N ALA D 59 30.72 24.65 9.98
CA ALA D 59 30.09 24.78 11.29
C ALA D 59 28.64 24.39 11.24
N THR D 60 28.26 23.51 10.30
CA THR D 60 26.89 23.02 10.21
C THR D 60 26.84 21.50 10.01
N ASP D 61 27.88 20.92 9.40
CA ASP D 61 27.89 19.54 8.96
C ASP D 61 28.32 18.67 10.13
N ARG D 62 27.39 18.25 10.99
CA ARG D 62 27.81 17.45 12.17
C ARG D 62 27.04 16.20 12.62
N PHE D 63 26.13 15.68 11.80
CA PHE D 63 25.34 14.50 12.19
C PHE D 63 24.60 14.71 13.51
N TYR D 64 23.60 15.58 13.45
CA TYR D 64 22.71 15.76 14.59
C TYR D 64 21.89 14.49 14.78
N THR D 65 22.24 13.69 15.79
CA THR D 65 21.51 12.45 16.04
C THR D 65 20.24 12.75 16.83
N LEU D 66 19.14 12.14 16.43
CA LEU D 66 17.89 12.42 17.11
C LEU D 66 17.71 11.43 18.26
N LYS D 67 16.55 11.51 18.90
CA LYS D 67 16.20 10.61 19.98
C LYS D 67 15.94 9.21 19.43
N SER D 68 16.29 8.19 20.22
CA SER D 68 16.00 6.82 19.83
C SER D 68 14.53 6.49 20.03
N VAL D 69 13.92 5.91 19.01
CA VAL D 69 12.51 5.55 19.05
C VAL D 69 12.38 4.06 19.28
N LYS D 70 11.22 3.66 19.79
CA LYS D 70 10.96 2.29 20.20
C LYS D 70 10.11 1.50 19.23
N TRP D 71 10.58 0.33 18.81
CA TRP D 71 9.81 -0.47 17.88
C TRP D 71 9.21 -1.70 18.56
N GLU D 72 7.90 -1.67 18.83
CA GLU D 72 7.24 -2.81 19.45
C GLU D 72 6.38 -3.55 18.42
N THR D 73 5.65 -4.58 18.84
CA THR D 73 4.86 -5.32 17.87
C THR D 73 3.76 -4.44 17.27
N GLY D 74 3.04 -3.71 18.10
CA GLY D 74 1.91 -2.94 17.61
C GLY D 74 2.22 -1.59 17.03
N SER D 75 3.50 -1.23 16.85
CA SER D 75 3.84 0.08 16.32
C SER D 75 3.49 0.16 14.84
N THR D 76 3.39 1.39 14.36
CA THR D 76 2.76 1.62 13.06
C THR D 76 3.48 2.58 12.13
N GLY D 77 4.49 3.31 12.59
CA GLY D 77 5.23 4.16 11.66
C GLY D 77 5.67 5.47 12.27
N TRP D 78 6.62 6.15 11.61
CA TRP D 78 7.15 7.41 12.13
C TRP D 78 7.44 8.33 10.95
N TRP D 79 7.34 9.63 11.17
CA TRP D 79 7.66 10.59 10.11
C TRP D 79 8.27 11.86 10.70
N TRP D 80 9.25 12.41 9.98
CA TRP D 80 9.90 13.66 10.32
C TRP D 80 9.91 14.57 9.11
N LYS D 81 9.70 15.87 9.33
CA LYS D 81 9.83 16.88 8.30
C LYS D 81 11.25 17.44 8.38
N LEU D 82 12.03 17.33 7.31
CA LEU D 82 13.47 17.53 7.44
C LEU D 82 14.00 18.95 7.65
N PRO D 83 13.45 20.02 7.06
CA PRO D 83 13.88 21.35 7.51
C PRO D 83 13.27 21.75 8.84
N ASP D 84 12.27 21.02 9.31
CA ASP D 84 11.59 21.31 10.56
C ASP D 84 12.22 20.60 11.75
N ALA D 85 12.80 19.42 11.52
CA ALA D 85 13.37 18.66 12.64
C ALA D 85 14.67 19.28 13.15
N LEU D 86 15.25 20.23 12.43
CA LEU D 86 16.53 20.83 12.80
C LEU D 86 16.42 22.33 13.04
N ASN D 87 15.22 22.86 13.26
CA ASN D 87 15.09 24.30 13.46
C ASN D 87 15.49 24.75 14.85
N ASN D 88 15.55 23.85 15.82
CA ASN D 88 15.81 24.24 17.20
C ASN D 88 17.01 23.49 17.78
N ILE D 89 17.83 22.91 16.93
CA ILE D 89 18.93 22.03 17.36
C ILE D 89 20.23 22.59 16.79
N GLY D 90 21.07 23.14 17.67
CA GLY D 90 22.45 23.36 17.34
C GLY D 90 22.71 24.56 16.44
N MET D 91 23.79 24.45 15.67
CA MET D 91 24.25 25.57 14.85
C MET D 91 23.40 25.76 13.61
N PHE D 92 22.80 24.70 13.08
CA PHE D 92 21.82 24.86 12.02
C PHE D 92 20.54 25.47 12.57
N GLY D 93 20.23 25.18 13.84
CA GLY D 93 19.02 25.72 14.42
C GLY D 93 19.12 27.21 14.71
N GLN D 94 20.32 27.72 14.95
CA GLN D 94 20.48 29.15 15.16
C GLN D 94 20.49 29.93 13.86
N ASN D 95 21.00 29.35 12.78
CA ASN D 95 21.00 30.03 11.50
C ASN D 95 19.63 30.09 10.85
N VAL D 96 18.65 29.32 11.34
CA VAL D 96 17.30 29.46 10.80
C VAL D 96 16.68 30.77 11.28
N GLN D 97 16.86 31.11 12.54
CA GLN D 97 16.59 32.48 12.93
C GLN D 97 17.69 33.39 12.40
N HIS D 98 17.34 34.67 12.27
CA HIS D 98 18.09 35.74 11.59
C HIS D 98 18.70 35.37 10.24
N HIS D 99 18.01 34.52 9.48
CA HIS D 99 18.20 34.32 8.05
C HIS D 99 16.84 33.92 7.52
N TYR D 100 16.54 34.28 6.27
CA TYR D 100 15.25 33.90 5.72
C TYR D 100 15.35 33.12 4.42
N LEU D 101 16.54 32.89 3.89
CA LEU D 101 16.68 32.04 2.72
C LEU D 101 17.74 31.00 3.03
N TYR D 102 17.49 29.74 2.67
CA TYR D 102 18.50 28.72 2.81
C TYR D 102 18.48 27.83 1.58
N ARG D 103 19.51 27.00 1.46
CA ARG D 103 19.62 26.06 0.35
C ARG D 103 20.53 24.94 0.80
N SER D 104 20.01 23.74 0.99
CA SER D 104 20.83 22.67 1.49
C SER D 104 20.25 21.33 1.08
N GLY D 105 21.13 20.33 1.00
CA GLY D 105 20.73 18.95 0.84
C GLY D 105 21.14 18.21 2.10
N PHE D 106 20.68 16.97 2.27
CA PHE D 106 20.84 16.29 3.55
C PHE D 106 21.53 14.94 3.35
N LEU D 107 21.80 14.28 4.46
CA LEU D 107 22.27 12.90 4.47
C LEU D 107 21.64 12.21 5.68
N ILE D 108 21.04 11.05 5.47
CA ILE D 108 20.28 10.36 6.50
C ILE D 108 20.90 8.99 6.73
N HIS D 109 21.11 8.63 8.00
CA HIS D 109 21.65 7.33 8.36
C HIS D 109 20.78 6.71 9.44
N VAL D 110 19.98 5.71 9.08
CA VAL D 110 19.07 5.03 9.99
C VAL D 110 19.67 3.68 10.35
N GLN D 111 19.77 3.39 11.64
CA GLN D 111 20.41 2.16 12.09
C GLN D 111 19.69 1.64 13.32
N CYS D 112 19.06 0.47 13.19
CA CYS D 112 18.51 -0.25 14.32
C CYS D 112 19.46 -1.38 14.70
N ASN D 113 19.22 -1.98 15.86
CA ASN D 113 20.12 -3.02 16.37
C ASN D 113 19.34 -4.08 17.13
N ALA D 114 19.28 -5.28 16.57
CA ALA D 114 18.68 -6.41 17.24
C ALA D 114 19.57 -7.63 17.05
N THR D 115 19.32 -8.65 17.86
CA THR D 115 20.15 -9.85 17.87
C THR D 115 19.79 -10.75 16.70
N LYS D 116 20.29 -11.98 16.71
CA LYS D 116 20.01 -12.93 15.65
C LYS D 116 18.76 -13.76 15.91
N PHE D 117 17.94 -13.36 16.86
CA PHE D 117 16.67 -14.04 17.12
C PHE D 117 15.46 -13.17 16.83
N HIS D 118 15.67 -11.95 16.36
CA HIS D 118 14.58 -11.08 15.98
C HIS D 118 14.30 -11.19 14.48
N GLN D 119 13.09 -10.80 14.09
CA GLN D 119 12.68 -10.87 12.70
C GLN D 119 11.74 -9.71 12.40
N GLY D 120 11.89 -9.12 11.22
CA GLY D 120 11.10 -7.96 10.87
C GLY D 120 11.64 -7.29 9.63
N ALA D 121 10.98 -6.19 9.24
CA ALA D 121 11.37 -5.46 8.04
C ALA D 121 10.83 -4.05 8.12
N LEU D 122 11.65 -3.08 7.73
CA LEU D 122 11.28 -1.68 7.65
C LEU D 122 11.39 -1.18 6.21
N LEU D 123 10.70 -0.08 5.94
CA LEU D 123 10.80 0.62 4.67
C LEU D 123 11.18 2.07 4.96
N VAL D 124 12.41 2.44 4.64
CA VAL D 124 12.91 3.78 4.90
C VAL D 124 12.73 4.59 3.62
N VAL D 125 11.72 5.44 3.56
CA VAL D 125 11.38 6.15 2.34
C VAL D 125 11.46 7.64 2.62
N ALA D 126 11.83 8.43 1.61
CA ALA D 126 11.92 9.88 1.71
C ALA D 126 10.99 10.50 0.66
N ILE D 127 10.03 11.29 1.11
CA ILE D 127 8.91 11.71 0.27
C ILE D 127 8.98 13.20 -0.02
N PRO D 128 9.18 13.63 -1.27
CA PRO D 128 9.19 15.06 -1.56
C PRO D 128 7.77 15.64 -1.59
N GLU D 129 7.57 16.74 -0.88
CA GLU D 129 6.31 17.50 -0.83
C GLU D 129 5.14 16.62 -0.38
N HIS D 130 5.23 16.14 0.85
CA HIS D 130 4.22 15.21 1.38
C HIS D 130 3.11 16.02 2.02
N GLN D 131 2.09 16.35 1.25
CA GLN D 131 0.95 17.08 1.77
C GLN D 131 0.02 16.09 2.46
N ARG D 132 -0.14 16.23 3.77
CA ARG D 132 -0.92 15.29 4.55
C ARG D 132 -2.41 15.54 4.40
N GLY D 133 -3.20 14.71 5.05
CA GLY D 133 -4.64 14.86 5.01
C GLY D 133 -5.33 14.33 6.24
N ALA D 134 -6.39 14.98 6.67
CA ALA D 134 -7.13 14.55 7.84
C ALA D 134 -8.15 13.50 7.46
N HIS D 135 -8.38 12.57 8.38
CA HIS D 135 -9.30 11.46 8.15
C HIS D 135 -10.72 11.89 8.49
N ASN D 136 -11.62 11.76 7.51
CA ASN D 136 -13.07 11.79 7.71
C ASN D 136 -13.55 13.15 8.23
N THR D 137 -13.05 14.22 7.63
CA THR D 137 -13.53 15.56 7.93
C THR D 137 -13.23 16.46 6.74
N ASN D 138 -13.86 17.64 6.75
CA ASN D 138 -13.72 18.60 5.67
C ASN D 138 -12.83 19.78 6.03
N THR D 139 -12.00 19.63 7.05
CA THR D 139 -11.16 20.72 7.54
C THR D 139 -9.70 20.37 7.30
N SER D 140 -8.96 21.31 6.71
CA SER D 140 -7.55 21.11 6.46
C SER D 140 -6.76 21.05 7.77
N PRO D 141 -5.64 20.35 7.80
CA PRO D 141 -4.85 20.24 9.04
C PRO D 141 -4.26 21.57 9.47
N GLY D 142 -4.23 21.77 10.78
CA GLY D 142 -3.79 23.02 11.35
C GLY D 142 -2.28 23.15 11.37
N PHE D 143 -1.82 24.21 12.02
CA PHE D 143 -0.39 24.45 12.14
C PHE D 143 0.27 23.49 13.11
N ASP D 144 -0.49 22.99 14.09
CA ASP D 144 0.08 22.16 15.13
C ASP D 144 0.11 20.69 14.78
N ASP D 145 -0.65 20.26 13.78
CA ASP D 145 -0.60 18.88 13.34
C ASP D 145 0.49 18.61 12.33
N ILE D 146 1.20 19.65 11.89
CA ILE D 146 2.23 19.53 10.86
C ILE D 146 3.60 19.88 11.43
N MET D 147 3.70 20.99 12.15
CA MET D 147 4.98 21.43 12.71
C MET D 147 5.18 20.78 14.08
N LYS D 148 5.42 19.48 14.06
CA LYS D 148 5.59 18.73 15.31
C LYS D 148 6.97 18.95 15.91
N GLY D 149 8.00 18.97 15.09
CA GLY D 149 9.32 19.33 15.56
C GLY D 149 10.32 18.19 15.57
N GLU D 150 11.12 18.12 16.64
CA GLU D 150 12.13 17.07 16.76
C GLU D 150 11.51 15.71 17.01
N GLU D 151 10.40 15.66 17.76
CA GLU D 151 9.80 14.39 18.14
C GLU D 151 9.15 13.68 16.97
N GLY D 152 8.81 14.39 15.91
CA GLY D 152 8.22 13.74 14.76
C GLY D 152 6.76 13.41 15.00
N GLY D 153 6.29 12.40 14.30
CA GLY D 153 4.90 12.04 14.37
C GLY D 153 4.67 10.55 14.30
N THR D 154 3.48 10.15 13.88
CA THR D 154 3.08 8.76 13.85
C THR D 154 1.98 8.63 12.80
N PHE D 155 2.07 7.63 11.94
CA PHE D 155 1.01 7.39 10.97
C PHE D 155 -0.24 6.86 11.66
N ASN D 156 -1.38 7.47 11.38
CA ASN D 156 -2.64 6.95 11.88
C ASN D 156 -3.16 5.83 10.99
N HIS D 157 -3.02 5.99 9.67
CA HIS D 157 -3.41 4.99 8.69
C HIS D 157 -2.24 4.84 7.74
N PRO D 158 -1.31 3.92 8.04
CA PRO D 158 -0.10 3.85 7.23
C PRO D 158 -0.30 3.20 5.88
N TYR D 159 -1.40 2.45 5.69
CA TYR D 159 -1.62 1.75 4.43
C TYR D 159 -1.92 2.71 3.29
N VAL D 160 -2.39 3.92 3.60
CA VAL D 160 -2.68 4.93 2.59
C VAL D 160 -1.81 6.15 2.74
N LEU D 161 -0.75 6.09 3.56
CA LEU D 161 0.24 7.16 3.76
C LEU D 161 -0.38 8.50 4.18
N ASP D 162 -1.53 8.45 4.84
CA ASP D 162 -2.28 9.59 5.34
C ASP D 162 -2.70 10.58 4.26
N ASP D 163 -2.71 10.19 2.98
CA ASP D 163 -3.28 11.03 1.95
C ASP D 163 -4.01 10.29 0.85
N GLY D 164 -4.21 8.98 0.96
CA GLY D 164 -4.94 8.23 -0.03
C GLY D 164 -4.08 7.45 -0.99
N THR D 165 -2.88 7.91 -1.26
CA THR D 165 -1.97 7.18 -2.14
C THR D 165 -1.41 5.97 -1.41
N SER D 166 -1.46 4.81 -2.07
CA SER D 166 -1.23 3.54 -1.38
C SER D 166 0.24 3.34 -1.04
N LEU D 167 0.48 2.44 -0.08
CA LEU D 167 1.82 2.05 0.31
C LEU D 167 2.45 1.04 -0.64
N ALA D 168 1.62 0.29 -1.38
CA ALA D 168 2.17 -0.71 -2.30
C ALA D 168 2.91 -0.05 -3.46
N CYS D 169 2.56 1.17 -3.81
CA CYS D 169 3.23 1.91 -4.87
C CYS D 169 4.22 2.92 -4.32
N ALA D 170 4.55 2.86 -3.04
CA ALA D 170 5.39 3.87 -2.42
C ALA D 170 6.87 3.64 -2.62
N THR D 171 7.25 2.67 -3.45
CA THR D 171 8.64 2.44 -3.80
C THR D 171 9.07 3.23 -5.03
N ILE D 172 8.21 4.11 -5.53
CA ILE D 172 8.59 5.01 -6.61
C ILE D 172 9.50 6.13 -6.09
N PHE D 173 9.45 6.42 -4.79
CA PHE D 173 10.33 7.39 -4.17
C PHE D 173 11.68 6.74 -3.88
N PRO D 174 12.72 7.52 -3.57
CA PRO D 174 13.97 6.90 -3.12
C PRO D 174 13.81 6.23 -1.77
N HIS D 175 14.24 4.97 -1.69
CA HIS D 175 13.92 4.12 -0.56
C HIS D 175 15.00 3.08 -0.38
N GLN D 176 15.13 2.59 0.85
CA GLN D 176 15.88 1.37 1.12
C GLN D 176 15.16 0.52 2.15
N TRP D 177 15.54 -0.75 2.20
CA TRP D 177 14.93 -1.74 3.08
C TRP D 177 15.87 -2.07 4.23
N ILE D 178 15.33 -2.15 5.43
CA ILE D 178 16.06 -2.70 6.57
C ILE D 178 15.39 -4.02 6.91
N ASN D 179 16.03 -5.11 6.50
CA ASN D 179 15.55 -6.47 6.75
C ASN D 179 16.46 -7.05 7.81
N LEU D 180 15.93 -7.28 9.02
CA LEU D 180 16.71 -7.70 10.17
C LEU D 180 17.34 -9.08 10.02
N ARG D 181 17.00 -9.84 8.99
CA ARG D 181 17.75 -11.05 8.69
C ARG D 181 19.09 -10.72 8.05
N THR D 182 19.14 -9.71 7.19
CA THR D 182 20.32 -9.43 6.38
C THR D 182 21.11 -8.24 6.88
N ASN D 183 20.50 -7.06 6.98
CA ASN D 183 21.20 -5.85 7.34
C ASN D 183 20.46 -5.10 8.44
N ASN D 184 21.07 -4.05 8.97
CA ASN D 184 20.39 -3.20 9.93
C ASN D 184 20.75 -1.74 9.72
N SER D 185 20.88 -1.31 8.47
CA SER D 185 21.35 0.04 8.21
C SER D 185 20.86 0.50 6.84
N ALA D 186 20.65 1.81 6.71
CA ALA D 186 20.25 2.41 5.46
C ALA D 186 20.83 3.81 5.38
N THR D 187 21.10 4.27 4.16
CA THR D 187 21.74 5.57 3.95
C THR D 187 21.19 6.19 2.68
N ILE D 188 20.59 7.37 2.78
CA ILE D 188 20.04 8.08 1.63
C ILE D 188 20.66 9.47 1.59
N VAL D 189 21.08 9.91 0.41
CA VAL D 189 21.59 11.26 0.19
C VAL D 189 20.54 12.02 -0.61
N LEU D 190 20.17 13.21 -0.15
CA LEU D 190 19.05 13.94 -0.71
C LEU D 190 19.50 15.25 -1.33
N PRO D 191 19.22 15.51 -2.60
CA PRO D 191 19.60 16.78 -3.22
C PRO D 191 18.56 17.86 -2.94
N TRP D 192 18.78 19.03 -3.53
CA TRP D 192 17.86 20.16 -3.38
C TRP D 192 16.70 19.98 -4.33
N MET D 193 15.55 19.62 -3.78
CA MET D 193 14.34 19.32 -4.55
C MET D 193 13.34 20.42 -4.29
N ASN D 194 13.38 21.46 -5.12
CA ASN D 194 12.41 22.54 -5.03
C ASN D 194 12.43 23.30 -6.35
N ALA D 195 11.31 23.97 -6.64
CA ALA D 195 11.18 24.75 -7.86
C ALA D 195 11.93 26.07 -7.76
N ALA D 196 11.80 26.75 -6.63
CA ALA D 196 12.52 27.99 -6.40
C ALA D 196 13.98 27.69 -6.08
N PRO D 197 14.90 28.62 -6.39
CA PRO D 197 16.31 28.36 -6.08
C PRO D 197 16.63 28.38 -4.60
N MET D 198 16.01 29.26 -3.80
CA MET D 198 16.20 29.28 -2.36
C MET D 198 14.83 29.38 -1.71
N ASP D 199 14.68 28.78 -0.53
CA ASP D 199 13.36 28.62 0.08
C ASP D 199 13.37 29.16 1.51
N PHE D 200 12.19 29.18 2.13
CA PHE D 200 11.98 29.78 3.44
C PHE D 200 11.83 28.69 4.49
N PRO D 201 12.67 28.66 5.51
CA PRO D 201 12.75 27.45 6.34
C PRO D 201 11.66 27.31 7.37
N LEU D 202 11.03 28.40 7.77
CA LEU D 202 10.07 28.34 8.87
C LEU D 202 8.65 28.01 8.42
N ARG D 203 8.40 27.85 7.12
CA ARG D 203 7.04 27.57 6.69
C ARG D 203 6.92 26.58 5.54
N HIS D 204 8.02 26.05 5.00
CA HIS D 204 7.97 25.09 3.92
C HIS D 204 8.92 23.95 4.25
N ASN D 205 8.49 22.73 3.96
CA ASN D 205 9.25 21.53 4.29
C ASN D 205 9.31 20.65 3.05
N GLN D 206 10.49 20.53 2.44
CA GLN D 206 10.59 19.83 1.16
C GLN D 206 10.46 18.33 1.35
N TRP D 207 11.38 17.71 2.08
CA TRP D 207 11.39 16.26 2.20
C TRP D 207 10.60 15.84 3.44
N THR D 208 10.31 14.55 3.52
CA THR D 208 9.61 13.99 4.67
C THR D 208 10.10 12.56 4.85
N LEU D 209 11.04 12.36 5.77
CA LEU D 209 11.56 11.04 6.06
C LEU D 209 10.50 10.23 6.78
N ALA D 210 10.20 9.03 6.27
CA ALA D 210 9.17 8.19 6.87
C ALA D 210 9.63 6.75 6.87
N ILE D 211 9.57 6.09 8.03
CA ILE D 211 9.92 4.68 8.18
C ILE D 211 8.70 3.92 8.65
N ILE D 212 8.40 2.80 7.98
CA ILE D 212 7.14 2.08 8.16
C ILE D 212 7.45 0.60 8.31
N PRO D 213 7.13 -0.04 9.44
CA PRO D 213 7.34 -1.49 9.56
C PRO D 213 6.29 -2.28 8.80
N VAL D 214 6.71 -2.93 7.72
CA VAL D 214 5.80 -3.74 6.94
C VAL D 214 5.49 -5.05 7.64
N VAL D 215 6.52 -5.84 7.90
CA VAL D 215 6.40 -7.08 8.68
C VAL D 215 6.68 -6.74 10.14
N PRO D 216 5.75 -6.91 11.05
CA PRO D 216 5.98 -6.56 12.45
C PRO D 216 6.90 -7.56 13.12
N LEU D 217 7.47 -7.16 14.25
CA LEU D 217 8.46 -8.05 14.82
C LEU D 217 7.81 -9.12 15.68
N GLY D 218 8.63 -10.09 16.06
CA GLY D 218 8.18 -11.17 16.90
C GLY D 218 9.35 -11.86 17.56
N THR D 219 9.10 -12.39 18.75
CA THR D 219 10.06 -13.20 19.48
C THR D 219 9.27 -14.08 20.45
N ARG D 220 9.96 -15.00 21.11
CA ARG D 220 9.28 -15.91 22.02
C ARG D 220 8.79 -15.17 23.27
N THR D 221 9.61 -14.27 23.79
CA THR D 221 9.25 -13.49 24.97
C THR D 221 8.36 -12.33 24.57
N THR D 222 8.22 -11.32 25.42
CA THR D 222 7.30 -10.23 25.06
C THR D 222 7.79 -8.79 24.88
N SER D 223 7.37 -8.20 23.77
CA SER D 223 7.64 -6.80 23.44
C SER D 223 9.08 -6.28 23.47
N SER D 224 10.00 -6.99 22.82
CA SER D 224 11.38 -6.51 22.81
C SER D 224 11.41 -5.14 22.13
N MET D 225 12.14 -4.20 22.71
CA MET D 225 12.18 -2.85 22.17
C MET D 225 12.79 -2.63 20.77
N VAL D 226 13.94 -3.24 20.48
CA VAL D 226 14.59 -3.05 19.19
C VAL D 226 14.74 -1.58 18.81
N PRO D 227 15.33 -0.77 19.69
CA PRO D 227 15.44 0.67 19.48
C PRO D 227 16.17 1.07 18.21
N ILE D 228 15.70 2.13 17.57
CA ILE D 228 16.20 2.65 16.31
C ILE D 228 16.85 4.03 16.45
N THR D 229 17.84 4.34 15.62
CA THR D 229 18.51 5.63 15.66
C THR D 229 18.53 6.36 14.31
N VAL D 230 18.12 7.62 14.28
CA VAL D 230 18.12 8.41 13.05
C VAL D 230 19.14 9.53 13.21
N SER D 231 19.96 9.74 12.18
CA SER D 231 21.00 10.75 12.21
C SER D 231 20.97 11.56 10.92
N ILE D 232 20.87 12.88 11.04
CA ILE D 232 20.66 13.77 9.90
C ILE D 232 21.81 14.76 9.85
N ALA D 233 22.29 15.07 8.65
CA ALA D 233 23.38 16.04 8.50
C ALA D 233 23.21 16.86 7.24
N PRO D 234 23.13 18.19 7.35
CA PRO D 234 22.98 19.03 6.16
C PRO D 234 24.26 19.02 5.33
N MET D 235 24.11 18.83 4.03
CA MET D 235 25.29 18.54 3.21
C MET D 235 26.00 19.80 2.75
N CYS D 236 25.38 20.58 1.88
CA CYS D 236 26.03 21.74 1.25
C CYS D 236 25.12 22.94 1.45
N CYS D 237 25.18 23.51 2.64
CA CYS D 237 24.21 24.52 3.06
C CYS D 237 24.74 25.91 2.81
N GLU D 238 23.81 26.84 2.59
CA GLU D 238 24.15 28.25 2.45
C GLU D 238 22.91 29.06 2.80
N PHE D 239 23.13 30.34 3.09
CA PHE D 239 22.09 31.22 3.59
C PHE D 239 22.26 32.57 2.90
N ASN D 240 21.41 33.53 3.27
CA ASN D 240 21.56 34.87 2.73
C ASN D 240 22.74 35.59 3.40
N GLY D 241 23.07 36.75 2.88
CA GLY D 241 24.13 37.55 3.45
C GLY D 241 23.66 38.49 4.54
N LEU D 242 24.27 38.38 5.71
CA LEU D 242 23.94 39.27 6.82
C LEU D 242 24.92 40.42 6.97
N ARG D 243 26.04 40.38 6.25
CA ARG D 243 27.09 41.40 6.33
C ARG D 243 27.31 42.01 4.96
N HIS D 244 27.18 43.33 4.87
CA HIS D 244 27.34 44.06 3.63
C HIS D 244 28.23 45.27 3.91
N ALA D 245 28.80 45.84 2.85
CA ALA D 245 29.78 46.93 3.01
C ALA D 245 29.11 48.20 3.52
N ILE D 246 28.21 48.78 2.75
CA ILE D 246 27.51 50.00 3.14
C ILE D 246 26.01 49.85 2.92
N GLY E 1 -6.38 39.15 -55.37
CA GLY E 1 -5.80 38.28 -54.37
C GLY E 1 -5.93 36.82 -54.75
N VAL E 2 -5.56 35.93 -53.83
CA VAL E 2 -5.55 34.50 -54.14
C VAL E 2 -6.96 33.96 -54.10
N PRO E 3 -7.34 33.08 -55.00
CA PRO E 3 -8.71 32.57 -55.00
C PRO E 3 -8.88 31.32 -54.14
N THR E 4 -9.89 31.29 -53.26
CA THR E 4 -10.04 30.18 -52.33
C THR E 4 -11.43 29.57 -52.42
N TYR E 5 -11.58 28.42 -51.77
CA TYR E 5 -12.88 27.80 -51.56
C TYR E 5 -12.79 26.92 -50.32
N LEU E 6 -13.90 26.77 -49.62
CA LEU E 6 -13.89 26.09 -48.33
C LEU E 6 -14.20 24.61 -48.49
N LEU E 7 -13.46 23.77 -47.78
CA LEU E 7 -13.73 22.35 -47.73
C LEU E 7 -14.91 22.07 -46.82
N PRO E 8 -15.49 20.87 -46.89
CA PRO E 8 -16.36 20.43 -45.79
C PRO E 8 -15.52 20.05 -44.59
N GLY E 9 -16.00 20.42 -43.41
CA GLY E 9 -15.20 20.29 -42.22
C GLY E 9 -14.43 21.56 -41.96
N SER E 10 -15.10 22.70 -42.09
CA SER E 10 -14.47 24.01 -41.97
C SER E 10 -15.16 24.78 -40.86
N GLY E 11 -14.42 25.07 -39.80
CA GLY E 11 -14.97 25.75 -38.66
C GLY E 11 -15.44 24.86 -37.54
N GLN E 12 -15.04 23.59 -37.54
CA GLN E 12 -15.42 22.68 -36.48
C GLN E 12 -14.39 22.77 -35.36
N PHE E 13 -14.47 21.86 -34.40
CA PHE E 13 -13.61 21.90 -33.23
C PHE E 13 -13.38 20.46 -32.79
N LEU E 14 -12.30 19.85 -33.26
CA LEU E 14 -11.88 18.59 -32.68
C LEU E 14 -11.16 18.85 -31.38
N THR E 15 -11.32 17.92 -30.44
CA THR E 15 -10.61 18.05 -29.18
C THR E 15 -9.22 17.46 -29.23
N THR E 16 -8.80 16.93 -30.39
CA THR E 16 -7.50 16.32 -30.54
C THR E 16 -6.63 16.99 -31.60
N ASP E 17 -7.04 18.13 -32.14
CA ASP E 17 -6.26 18.78 -33.19
C ASP E 17 -5.05 19.50 -32.60
N ASP E 18 -4.15 19.91 -33.49
CA ASP E 18 -2.94 20.62 -33.10
C ASP E 18 -2.75 21.80 -34.06
N HIS E 19 -3.09 23.00 -33.60
CA HIS E 19 -2.87 24.20 -34.40
C HIS E 19 -2.38 25.32 -33.50
N SER E 20 -1.86 26.37 -34.13
CA SER E 20 -1.31 27.50 -33.40
C SER E 20 -2.44 28.37 -32.86
N SER E 21 -2.08 29.27 -31.95
CA SER E 21 -3.09 30.08 -31.28
C SER E 21 -2.56 31.48 -31.02
N ALA E 22 -3.49 32.42 -30.92
CA ALA E 22 -3.14 33.80 -30.65
C ALA E 22 -2.71 33.95 -29.21
N PRO E 23 -1.50 34.44 -28.94
CA PRO E 23 -1.06 34.57 -27.54
C PRO E 23 -1.80 35.70 -26.85
N ALA E 24 -2.25 35.43 -25.63
CA ALA E 24 -3.00 36.44 -24.89
C ALA E 24 -2.09 37.55 -24.41
N LEU E 25 -0.84 37.24 -24.10
CA LEU E 25 0.12 38.22 -23.61
C LEU E 25 1.42 38.08 -24.38
N PRO E 26 1.57 38.77 -25.51
CA PRO E 26 2.89 38.86 -26.13
C PRO E 26 3.78 39.81 -25.33
N CYS E 27 5.07 39.76 -25.66
CA CYS E 27 6.12 40.55 -24.99
C CYS E 27 6.14 40.28 -23.49
N PHE E 28 5.99 39.01 -23.11
CA PHE E 28 6.03 38.58 -21.72
C PHE E 28 7.04 37.45 -21.61
N ASN E 29 8.04 37.63 -20.75
CA ASN E 29 9.08 36.63 -20.58
C ASN E 29 8.78 35.79 -19.37
N PRO E 30 8.55 34.49 -19.50
CA PRO E 30 8.36 33.64 -18.32
C PRO E 30 9.64 33.45 -17.54
N THR E 31 9.51 32.89 -16.35
CA THR E 31 10.69 32.62 -15.53
C THR E 31 11.50 31.50 -16.16
N PRO E 32 12.82 31.63 -16.22
CA PRO E 32 13.62 30.65 -16.97
C PRO E 32 13.71 29.32 -16.26
N GLU E 33 14.12 28.31 -17.02
CA GLU E 33 14.13 26.94 -16.53
C GLU E 33 15.24 26.73 -15.52
N MET E 34 15.07 25.70 -14.70
CA MET E 34 16.05 25.37 -13.68
C MET E 34 16.15 23.85 -13.61
N HIS E 35 17.34 23.35 -13.30
CA HIS E 35 17.57 21.91 -13.26
C HIS E 35 16.97 21.33 -11.99
N ILE E 36 15.71 20.96 -12.05
CA ILE E 36 15.02 20.27 -10.96
C ILE E 36 15.25 18.77 -11.14
N PRO E 37 15.74 18.07 -10.13
CA PRO E 37 16.17 16.68 -10.34
C PRO E 37 15.01 15.71 -10.45
N GLY E 38 15.18 14.71 -11.31
CA GLY E 38 14.23 13.64 -11.41
C GLY E 38 13.16 13.85 -12.47
N GLN E 39 13.58 14.19 -13.68
CA GLN E 39 12.63 14.42 -14.76
C GLN E 39 12.24 13.11 -15.41
N VAL E 40 10.95 12.88 -15.57
CA VAL E 40 10.43 11.72 -16.29
C VAL E 40 9.98 12.19 -17.67
N ARG E 41 10.34 11.44 -18.70
CA ARG E 41 9.99 11.79 -20.07
C ARG E 41 9.04 10.80 -20.72
N ASN E 42 9.00 9.57 -20.23
CA ASN E 42 8.19 8.53 -20.83
C ASN E 42 7.59 7.74 -19.68
N MET E 43 6.35 7.30 -19.83
CA MET E 43 5.67 6.61 -18.75
C MET E 43 6.02 5.12 -18.67
N LEU E 44 6.97 4.65 -19.46
CA LEU E 44 7.56 3.34 -19.23
C LEU E 44 8.76 3.41 -18.30
N GLU E 45 9.07 4.58 -17.77
CA GLU E 45 10.05 4.68 -16.71
C GLU E 45 9.39 4.58 -15.35
N VAL E 46 8.06 4.57 -15.30
CA VAL E 46 7.32 4.41 -14.06
C VAL E 46 6.97 2.96 -13.81
N VAL E 47 6.59 2.21 -14.85
CA VAL E 47 6.19 0.82 -14.66
C VAL E 47 7.37 -0.11 -14.40
N GLN E 48 8.60 0.33 -14.61
CA GLN E 48 9.75 -0.54 -14.39
C GLN E 48 10.23 -0.51 -12.94
N VAL E 49 9.61 0.29 -12.09
CA VAL E 49 9.98 0.34 -10.69
C VAL E 49 9.25 -0.78 -9.96
N GLU E 50 9.95 -1.46 -9.05
CA GLU E 50 9.32 -2.52 -8.26
C GLU E 50 8.28 -1.93 -7.33
N SER E 51 7.26 -2.72 -7.01
CA SER E 51 6.16 -2.29 -6.18
C SER E 51 5.44 -3.53 -5.66
N MET E 52 5.19 -3.58 -4.37
CA MET E 52 4.76 -4.84 -3.78
C MET E 52 3.30 -5.11 -4.06
N MET E 53 2.94 -6.39 -4.05
CA MET E 53 1.59 -6.84 -4.35
C MET E 53 0.96 -7.42 -3.09
N GLU E 54 -0.29 -7.83 -3.22
CA GLU E 54 -1.09 -8.29 -2.08
C GLU E 54 -1.22 -9.81 -2.16
N ILE E 55 -0.25 -10.51 -1.55
CA ILE E 55 -0.21 -11.97 -1.60
C ILE E 55 -1.38 -12.57 -0.84
N ASN E 56 -1.73 -12.00 0.31
CA ASN E 56 -2.73 -12.58 1.20
C ASN E 56 -4.11 -12.27 0.66
N ASN E 57 -4.56 -13.11 -0.28
CA ASN E 57 -5.78 -12.89 -1.04
C ASN E 57 -7.02 -13.45 -0.37
N THR E 58 -6.95 -13.82 0.91
CA THR E 58 -8.13 -14.34 1.58
C THR E 58 -9.07 -13.20 1.97
N GLU E 59 -10.29 -13.58 2.35
CA GLU E 59 -11.23 -12.61 2.85
C GLU E 59 -10.90 -12.24 4.29
N SER E 60 -11.51 -11.14 4.75
CA SER E 60 -11.38 -10.62 6.12
C SER E 60 -9.92 -10.32 6.49
N ALA E 61 -9.12 -9.95 5.51
CA ALA E 61 -7.76 -9.45 5.74
C ALA E 61 -7.84 -7.94 5.51
N VAL E 62 -7.94 -7.18 6.59
CA VAL E 62 -8.21 -5.75 6.52
C VAL E 62 -6.95 -5.00 6.92
N GLY E 63 -6.53 -4.07 6.07
CA GLY E 63 -5.42 -3.22 6.41
C GLY E 63 -4.17 -3.59 5.65
N MET E 64 -3.01 -3.42 6.28
CA MET E 64 -1.74 -3.80 5.68
C MET E 64 -1.34 -5.21 6.07
N GLU E 65 -2.30 -6.04 6.46
CA GLU E 65 -2.09 -7.47 6.62
C GLU E 65 -2.28 -8.23 5.33
N ARG E 66 -2.60 -7.54 4.24
CA ARG E 66 -2.74 -8.18 2.95
C ARG E 66 -1.42 -8.36 2.23
N LEU E 67 -0.35 -7.75 2.74
CA LEU E 67 0.91 -7.72 2.03
C LEU E 67 1.84 -8.87 2.40
N LYS E 68 1.37 -9.85 3.16
CA LYS E 68 2.26 -10.86 3.74
C LYS E 68 1.48 -12.14 4.01
N VAL E 69 2.18 -13.27 3.92
CA VAL E 69 1.62 -14.57 4.29
C VAL E 69 2.47 -15.19 5.39
N ASP E 70 1.82 -15.72 6.41
CA ASP E 70 2.52 -16.34 7.52
C ASP E 70 2.71 -17.83 7.23
N ILE E 71 3.86 -18.36 7.63
CA ILE E 71 4.19 -19.77 7.49
C ILE E 71 4.64 -20.28 8.86
N SER E 72 3.67 -20.70 9.66
CA SER E 72 3.90 -21.18 11.02
C SER E 72 4.60 -22.53 11.09
N ALA E 73 5.18 -22.82 12.25
CA ALA E 73 5.89 -24.07 12.47
C ALA E 73 4.92 -25.23 12.35
N LEU E 74 3.69 -25.08 12.83
CA LEU E 74 2.72 -26.15 12.72
C LEU E 74 1.97 -26.14 11.39
N THR E 75 2.71 -26.34 10.31
CA THR E 75 2.15 -26.38 8.97
C THR E 75 2.62 -27.66 8.32
N ASP E 76 1.67 -28.45 7.83
CA ASP E 76 1.95 -29.72 7.16
C ASP E 76 2.55 -29.53 5.77
N VAL E 77 3.38 -30.49 5.35
CA VAL E 77 4.01 -30.44 4.03
C VAL E 77 3.06 -30.50 2.83
N ASP E 78 3.50 -29.96 1.71
CA ASP E 78 2.70 -29.93 0.48
C ASP E 78 1.36 -29.22 0.60
N GLN E 79 1.33 -28.11 1.33
CA GLN E 79 0.10 -27.34 1.50
C GLN E 79 0.31 -26.07 0.71
N LEU E 80 -0.64 -25.70 -0.13
CA LEU E 80 -0.45 -24.54 -0.98
C LEU E 80 -0.51 -23.26 -0.17
N LEU E 81 0.45 -22.37 -0.39
CA LEU E 81 0.46 -21.10 0.34
C LEU E 81 -0.34 -20.02 -0.38
N PHE E 82 -0.07 -19.80 -1.66
CA PHE E 82 -0.76 -18.77 -2.42
C PHE E 82 -0.72 -19.14 -3.90
N ASN E 83 -1.47 -18.38 -4.69
CA ASN E 83 -1.27 -18.33 -6.13
C ASN E 83 -1.68 -16.97 -6.65
N ILE E 84 -0.97 -16.50 -7.68
CA ILE E 84 -1.22 -15.20 -8.29
C ILE E 84 -1.80 -15.44 -9.68
N PRO E 85 -3.06 -15.10 -9.92
CA PRO E 85 -3.56 -15.06 -11.29
C PRO E 85 -2.97 -13.85 -11.98
N LEU E 86 -2.26 -14.08 -13.09
CA LEU E 86 -1.58 -12.98 -13.77
C LEU E 86 -2.57 -12.21 -14.63
N ASP E 87 -3.42 -11.43 -13.95
CA ASP E 87 -4.40 -10.57 -14.60
C ASP E 87 -4.26 -9.17 -14.02
N ILE E 88 -3.99 -8.21 -14.90
CA ILE E 88 -3.87 -6.83 -14.46
C ILE E 88 -5.25 -6.20 -14.26
N GLN E 89 -6.15 -6.39 -15.22
CA GLN E 89 -7.42 -5.67 -15.19
C GLN E 89 -8.40 -6.23 -14.18
N LEU E 90 -8.17 -7.43 -13.66
CA LEU E 90 -9.12 -8.07 -12.77
C LEU E 90 -8.73 -7.88 -11.31
N ASP E 91 -9.70 -8.12 -10.43
CA ASP E 91 -9.47 -7.93 -9.01
C ASP E 91 -8.68 -9.11 -8.46
N GLY E 92 -7.50 -8.83 -7.92
CA GLY E 92 -6.65 -9.83 -7.35
C GLY E 92 -5.43 -9.22 -6.72
N PRO E 93 -4.32 -9.97 -6.67
CA PRO E 93 -3.09 -9.42 -6.12
C PRO E 93 -2.43 -8.37 -6.98
N LEU E 94 -2.72 -8.30 -8.28
CA LEU E 94 -2.05 -7.36 -9.16
C LEU E 94 -2.93 -6.19 -9.56
N ARG E 95 -4.07 -5.99 -8.88
CA ARG E 95 -4.93 -4.86 -9.19
C ARG E 95 -4.29 -3.53 -8.78
N ASN E 96 -3.95 -3.42 -7.51
CA ASN E 96 -3.41 -2.17 -6.96
C ASN E 96 -1.90 -2.28 -6.79
N THR E 97 -1.21 -2.27 -7.92
CA THR E 97 0.24 -2.15 -7.97
C THR E 97 0.59 -0.94 -8.83
N LEU E 98 1.86 -0.87 -9.24
CA LEU E 98 2.29 0.25 -10.06
C LEU E 98 2.16 -0.05 -11.55
N VAL E 99 2.25 -1.32 -11.94
CA VAL E 99 2.06 -1.67 -13.34
C VAL E 99 0.58 -1.82 -13.66
N GLY E 100 -0.26 -2.01 -12.65
CA GLY E 100 -1.68 -2.18 -12.84
C GLY E 100 -2.49 -0.92 -12.68
N ASN E 101 -1.86 0.23 -12.50
CA ASN E 101 -2.54 1.51 -12.48
C ASN E 101 -2.19 2.38 -13.66
N ILE E 102 -0.97 2.25 -14.20
CA ILE E 102 -0.62 2.96 -15.41
C ILE E 102 -1.27 2.29 -16.62
N SER E 103 -1.39 0.97 -16.60
CA SER E 103 -2.01 0.22 -17.68
C SER E 103 -3.52 0.10 -17.53
N ARG E 104 -4.14 0.99 -16.77
CA ARG E 104 -5.58 1.21 -16.87
C ARG E 104 -5.91 2.29 -17.86
N TYR E 105 -5.03 3.26 -18.01
CA TYR E 105 -5.27 4.34 -18.96
C TYR E 105 -5.15 3.86 -20.39
N TYR E 106 -4.42 2.80 -20.64
CA TYR E 106 -4.25 2.27 -21.98
C TYR E 106 -5.08 1.00 -22.16
N THR E 107 -5.37 0.68 -23.42
CA THR E 107 -6.24 -0.44 -23.72
C THR E 107 -5.47 -1.74 -23.95
N HIS E 108 -4.51 -1.75 -24.86
CA HIS E 108 -3.78 -2.96 -25.19
C HIS E 108 -2.41 -2.93 -24.51
N TRP E 109 -2.02 -4.05 -23.91
CA TRP E 109 -0.72 -4.18 -23.29
C TRP E 109 -0.12 -5.53 -23.68
N SER E 110 1.20 -5.56 -23.85
CA SER E 110 1.89 -6.81 -24.15
C SER E 110 3.35 -6.66 -23.77
N GLY E 111 3.84 -7.53 -22.90
CA GLY E 111 5.24 -7.45 -22.51
C GLY E 111 5.57 -8.55 -21.53
N SER E 112 6.80 -8.49 -21.04
CA SER E 112 7.31 -9.47 -20.09
C SER E 112 7.48 -8.81 -18.72
N LEU E 113 7.38 -9.62 -17.68
CA LEU E 113 7.39 -9.15 -16.30
C LEU E 113 8.54 -9.78 -15.54
N GLU E 114 8.61 -9.49 -14.25
CA GLU E 114 9.74 -9.89 -13.42
C GLU E 114 9.30 -9.83 -11.96
N MET E 115 9.18 -10.98 -11.33
CA MET E 115 8.70 -11.07 -9.95
C MET E 115 9.84 -11.38 -9.00
N THR E 116 9.75 -10.82 -7.79
CA THR E 116 10.80 -10.94 -6.79
C THR E 116 10.16 -11.16 -5.43
N PHE E 117 10.57 -12.22 -4.74
CA PHE E 117 10.09 -12.52 -3.40
C PHE E 117 11.17 -12.22 -2.39
N MET E 118 10.78 -12.14 -1.11
CA MET E 118 11.73 -11.83 -0.06
C MET E 118 11.22 -12.42 1.24
N PHE E 119 12.11 -13.04 1.99
CA PHE E 119 11.77 -13.75 3.21
C PHE E 119 12.19 -12.91 4.41
N CYS E 120 11.28 -12.78 5.38
CA CYS E 120 11.48 -11.89 6.51
C CYS E 120 11.42 -12.63 7.84
N GLY E 121 12.12 -13.76 7.93
CA GLY E 121 12.23 -14.50 9.17
C GLY E 121 13.51 -14.17 9.91
N SER E 122 13.76 -14.92 10.98
CA SER E 122 14.95 -14.70 11.77
C SER E 122 16.17 -15.28 11.07
N PHE E 123 17.34 -15.09 11.67
CA PHE E 123 18.57 -15.51 11.01
C PHE E 123 18.80 -17.01 11.14
N MET E 124 18.27 -17.64 12.18
CA MET E 124 18.49 -19.06 12.41
C MET E 124 17.62 -19.95 11.53
N ALA E 125 16.44 -19.48 11.10
CA ALA E 125 15.41 -20.36 10.57
C ALA E 125 15.71 -20.80 9.14
N THR E 126 15.41 -22.07 8.85
CA THR E 126 15.68 -22.69 7.56
C THR E 126 14.43 -23.32 6.97
N GLY E 127 14.58 -24.11 5.91
CA GLY E 127 13.45 -24.76 5.27
C GLY E 127 13.48 -24.59 3.77
N LYS E 128 12.54 -25.18 3.03
CA LYS E 128 12.50 -25.02 1.59
C LYS E 128 11.08 -24.72 1.12
N LEU E 129 10.99 -24.11 -0.07
CA LEU E 129 9.75 -23.87 -0.78
C LEU E 129 9.91 -24.35 -2.21
N ILE E 130 8.86 -24.20 -3.00
CA ILE E 130 8.90 -24.56 -4.41
C ILE E 130 7.93 -23.64 -5.15
N LEU E 131 8.36 -23.13 -6.30
CA LEU E 131 7.68 -22.04 -6.99
C LEU E 131 7.42 -22.43 -8.43
N CYS E 132 6.15 -22.61 -8.80
CA CYS E 132 5.79 -23.10 -10.11
C CYS E 132 5.30 -21.95 -10.97
N TYR E 133 5.37 -22.14 -12.29
CA TYR E 133 4.78 -21.23 -13.25
C TYR E 133 3.94 -22.03 -14.23
N THR E 134 2.69 -21.70 -14.34
CA THR E 134 1.80 -22.40 -15.24
C THR E 134 1.63 -21.59 -16.51
N PRO E 135 1.87 -22.17 -17.68
CA PRO E 135 1.64 -21.46 -18.95
C PRO E 135 0.15 -21.22 -19.16
N PRO E 136 -0.23 -20.30 -20.06
CA PRO E 136 -1.65 -19.89 -20.16
C PRO E 136 -2.63 -20.97 -20.61
N GLY E 137 -2.16 -22.10 -21.09
CA GLY E 137 -3.07 -23.14 -21.51
C GLY E 137 -3.65 -23.91 -20.34
N GLY E 138 -2.78 -24.58 -19.57
CA GLY E 138 -3.24 -25.44 -18.50
C GLY E 138 -3.75 -24.67 -17.31
N SER E 139 -4.36 -25.41 -16.38
CA SER E 139 -4.98 -24.82 -15.21
C SER E 139 -4.08 -24.95 -13.99
N CYS E 140 -4.54 -24.38 -12.89
CA CYS E 140 -3.74 -24.28 -11.68
C CYS E 140 -3.59 -25.65 -11.03
N PRO E 141 -2.37 -26.05 -10.67
CA PRO E 141 -2.17 -27.34 -10.01
C PRO E 141 -2.58 -27.28 -8.54
N THR E 142 -3.04 -28.43 -8.05
CA THR E 142 -3.55 -28.51 -6.68
C THR E 142 -2.63 -29.24 -5.73
N THR E 143 -1.94 -30.28 -6.18
CA THR E 143 -1.01 -31.01 -5.34
C THR E 143 0.42 -30.69 -5.75
N ARG E 144 1.36 -31.03 -4.86
CA ARG E 144 2.75 -30.67 -5.12
C ARG E 144 3.35 -31.52 -6.22
N GLU E 145 2.98 -32.80 -6.28
CA GLU E 145 3.57 -33.70 -7.26
C GLU E 145 3.13 -33.36 -8.67
N THR E 146 1.86 -33.01 -8.87
CA THR E 146 1.39 -32.58 -10.18
C THR E 146 1.88 -31.19 -10.56
N ALA E 147 2.46 -30.44 -9.62
CA ALA E 147 3.02 -29.14 -9.90
C ALA E 147 4.52 -29.16 -10.12
N MET E 148 5.19 -30.22 -9.66
CA MET E 148 6.63 -30.33 -9.86
C MET E 148 6.96 -30.56 -11.34
N LEU E 149 6.06 -31.20 -12.08
CA LEU E 149 6.34 -31.49 -13.49
C LEU E 149 6.28 -30.26 -14.38
N GLY E 150 5.84 -29.11 -13.88
CA GLY E 150 5.86 -27.88 -14.62
C GLY E 150 7.23 -27.23 -14.57
N THR E 151 7.23 -25.91 -14.59
CA THR E 151 8.46 -25.12 -14.52
C THR E 151 8.64 -24.66 -13.08
N HIS E 152 9.49 -25.33 -12.31
CA HIS E 152 9.63 -25.00 -10.91
C HIS E 152 11.08 -24.64 -10.58
N ILE E 153 11.24 -23.97 -9.44
CA ILE E 153 12.53 -23.84 -8.79
C ILE E 153 12.35 -24.21 -7.33
N VAL E 154 13.40 -24.76 -6.73
CA VAL E 154 13.36 -25.23 -5.35
C VAL E 154 14.21 -24.28 -4.52
N TRP E 155 13.56 -23.35 -3.84
CA TRP E 155 14.23 -22.27 -3.13
C TRP E 155 14.22 -22.54 -1.64
N ASP E 156 15.38 -22.42 -0.99
CA ASP E 156 15.46 -22.56 0.46
C ASP E 156 15.62 -21.20 1.13
N PHE E 157 15.85 -21.23 2.43
CA PHE E 157 15.83 -20.00 3.21
C PHE E 157 17.18 -19.62 3.76
N GLY E 158 18.02 -20.61 4.12
CA GLY E 158 19.27 -20.33 4.79
C GLY E 158 20.29 -19.65 3.90
N LEU E 159 20.30 -20.01 2.61
CA LEU E 159 21.33 -19.47 1.73
C LEU E 159 20.95 -18.07 1.27
N GLN E 160 19.89 -17.94 0.49
CA GLN E 160 19.41 -16.66 0.02
C GLN E 160 18.13 -16.26 0.73
N SER E 161 17.86 -14.96 0.73
CA SER E 161 16.61 -14.43 1.25
C SER E 161 15.81 -13.70 0.18
N SER E 162 16.19 -13.84 -1.08
CA SER E 162 15.44 -13.23 -2.17
C SER E 162 15.63 -14.07 -3.42
N VAL E 163 14.59 -14.15 -4.23
CA VAL E 163 14.61 -14.96 -5.45
C VAL E 163 14.06 -14.08 -6.56
N THR E 164 14.31 -14.50 -7.80
CA THR E 164 13.87 -13.76 -8.98
C THR E 164 13.24 -14.74 -9.96
N LEU E 165 12.08 -14.38 -10.49
CA LEU E 165 11.28 -15.30 -11.31
C LEU E 165 10.80 -14.54 -12.53
N ILE E 166 11.36 -14.83 -13.70
CA ILE E 166 11.02 -14.11 -14.92
C ILE E 166 9.73 -14.69 -15.50
N ILE E 167 8.75 -13.84 -15.71
CA ILE E 167 7.50 -14.21 -16.38
C ILE E 167 7.68 -13.91 -17.87
N PRO E 168 7.48 -14.88 -18.75
CA PRO E 168 7.91 -14.71 -20.16
C PRO E 168 7.09 -13.74 -21.00
N TRP E 169 5.75 -13.80 -20.97
CA TRP E 169 4.96 -13.00 -21.89
C TRP E 169 3.51 -12.95 -21.44
N ILE E 170 2.91 -11.75 -21.47
CA ILE E 170 1.49 -11.56 -21.23
C ILE E 170 0.91 -10.71 -22.36
N SER E 171 -0.42 -10.63 -22.41
CA SER E 171 -1.13 -9.80 -23.37
C SER E 171 -2.55 -9.57 -22.88
N GLY E 172 -3.23 -8.58 -23.44
CA GLY E 172 -4.57 -8.26 -22.99
C GLY E 172 -5.25 -7.19 -23.80
N SER E 173 -6.58 -7.12 -23.66
CA SER E 173 -7.42 -6.12 -24.29
C SER E 173 -8.75 -6.08 -23.54
N HIS E 174 -9.78 -5.49 -24.15
CA HIS E 174 -11.06 -5.31 -23.48
C HIS E 174 -12.28 -5.91 -24.18
N TYR E 175 -12.31 -5.95 -25.51
CA TYR E 175 -13.21 -6.79 -26.32
C TYR E 175 -14.69 -6.46 -26.08
N ARG E 176 -15.09 -5.28 -26.53
CA ARG E 176 -16.51 -4.93 -26.57
C ARG E 176 -17.00 -5.26 -27.97
N MET E 177 -17.53 -6.46 -28.15
CA MET E 177 -17.76 -7.02 -29.47
C MET E 177 -19.22 -7.08 -29.90
N PHE E 178 -20.16 -6.86 -28.99
CA PHE E 178 -21.56 -7.05 -29.31
C PHE E 178 -22.22 -5.72 -29.68
N ASN E 179 -23.55 -5.77 -29.77
CA ASN E 179 -24.32 -4.58 -30.14
C ASN E 179 -24.53 -3.68 -28.92
N ASN E 180 -24.96 -4.26 -27.81
CA ASN E 180 -25.28 -3.49 -26.61
C ASN E 180 -24.02 -3.22 -25.79
N ASP E 181 -24.19 -2.70 -24.57
CA ASP E 181 -23.07 -2.45 -23.67
C ASP E 181 -22.82 -3.72 -22.90
N ALA E 182 -21.87 -4.53 -23.37
CA ALA E 182 -21.48 -5.76 -22.71
C ALA E 182 -19.97 -5.73 -22.47
N LYS E 183 -19.52 -6.58 -21.57
CA LYS E 183 -18.11 -6.68 -21.24
C LYS E 183 -17.68 -8.13 -21.41
N SER E 184 -16.59 -8.34 -22.15
CA SER E 184 -16.03 -9.66 -22.37
C SER E 184 -14.64 -9.71 -21.75
N THR E 185 -14.52 -10.41 -20.63
CA THR E 185 -13.26 -10.49 -19.91
C THR E 185 -12.27 -11.34 -20.69
N ASN E 186 -11.00 -10.91 -20.71
CA ASN E 186 -9.94 -11.72 -21.30
C ASN E 186 -9.73 -12.99 -20.50
N ALA E 187 -9.27 -14.04 -21.18
CA ALA E 187 -9.05 -15.31 -20.52
C ALA E 187 -7.83 -15.26 -19.62
N ASN E 188 -7.79 -16.15 -18.63
CA ASN E 188 -6.81 -16.05 -17.56
C ASN E 188 -5.47 -16.59 -18.05
N VAL E 189 -4.52 -15.69 -18.25
CA VAL E 189 -3.18 -16.03 -18.69
C VAL E 189 -2.31 -16.29 -17.44
N GLY E 190 -1.79 -17.51 -17.33
CA GLY E 190 -0.74 -17.82 -16.40
C GLY E 190 -1.18 -17.94 -14.95
N TYR E 191 -0.31 -18.55 -14.16
CA TYR E 191 -0.41 -18.62 -12.71
C TYR E 191 1.00 -18.75 -12.13
N VAL E 192 1.19 -18.29 -10.91
CA VAL E 192 2.41 -18.52 -10.14
C VAL E 192 1.99 -18.99 -8.76
N THR E 193 2.25 -20.26 -8.46
CA THR E 193 1.80 -20.87 -7.21
C THR E 193 2.98 -21.41 -6.42
N CYS E 194 2.76 -21.63 -5.13
CA CYS E 194 3.85 -21.94 -4.20
C CYS E 194 3.43 -22.99 -3.20
N PHE E 195 4.22 -24.05 -3.07
CA PHE E 195 3.94 -25.14 -2.15
C PHE E 195 5.04 -25.26 -1.13
N MET E 196 4.74 -25.92 -0.03
CA MET E 196 5.68 -26.12 1.06
C MET E 196 6.40 -27.44 0.86
N GLN E 197 7.71 -27.37 0.60
CA GLN E 197 8.49 -28.59 0.39
C GLN E 197 8.74 -29.33 1.69
N THR E 198 9.51 -28.71 2.59
CA THR E 198 9.79 -29.27 3.91
C THR E 198 9.23 -28.34 4.97
N ASN E 199 9.28 -28.79 6.21
CA ASN E 199 8.72 -28.01 7.29
C ASN E 199 9.66 -26.86 7.66
N LEU E 200 9.12 -25.86 8.35
CA LEU E 200 9.92 -24.75 8.85
C LEU E 200 10.64 -25.19 10.11
N ILE E 201 11.91 -24.84 10.23
CA ILE E 201 12.74 -25.26 11.36
C ILE E 201 13.26 -24.03 12.06
N VAL E 202 12.77 -23.77 13.27
CA VAL E 202 13.20 -22.62 14.06
C VAL E 202 13.83 -23.14 15.35
N PRO E 203 14.72 -22.38 16.00
CA PRO E 203 15.23 -22.83 17.29
C PRO E 203 14.25 -22.55 18.42
N SER E 204 14.66 -22.82 19.66
CA SER E 204 13.77 -22.66 20.79
C SER E 204 13.60 -21.21 21.22
N GLU E 205 14.34 -20.28 20.63
CA GLU E 205 14.34 -18.88 21.05
C GLU E 205 13.63 -17.96 20.07
N SER E 206 13.74 -18.21 18.77
CA SER E 206 13.01 -17.40 17.80
C SER E 206 11.53 -17.73 17.85
N SER E 207 10.73 -16.83 17.29
CA SER E 207 9.31 -17.11 17.16
C SER E 207 9.08 -18.11 16.03
N ASP E 208 7.94 -18.79 16.08
CA ASP E 208 7.65 -19.84 15.11
C ASP E 208 6.91 -19.35 13.88
N THR E 209 6.75 -18.05 13.70
CA THR E 209 6.02 -17.50 12.57
C THR E 209 6.96 -16.63 11.73
N CYS E 210 6.98 -16.87 10.43
CA CYS E 210 7.76 -16.06 9.50
C CYS E 210 6.81 -15.42 8.50
N SER E 211 7.37 -14.74 7.50
CA SER E 211 6.53 -14.03 6.55
C SER E 211 7.23 -13.86 5.22
N LEU E 212 6.44 -13.73 4.15
CA LEU E 212 6.93 -13.49 2.81
C LEU E 212 6.40 -12.17 2.29
N ILE E 213 7.16 -11.55 1.40
CA ILE E 213 6.75 -10.32 0.71
C ILE E 213 7.07 -10.51 -0.77
N GLY E 214 6.12 -10.16 -1.64
CA GLY E 214 6.31 -10.29 -3.07
C GLY E 214 6.34 -8.94 -3.77
N PHE E 215 7.14 -8.84 -4.82
CA PHE E 215 7.32 -7.62 -5.59
C PHE E 215 6.99 -7.91 -7.05
N ILE E 216 6.83 -6.85 -7.85
CA ILE E 216 6.60 -7.02 -9.29
C ILE E 216 7.11 -5.79 -10.02
N ALA E 217 7.62 -6.00 -11.22
CA ALA E 217 8.15 -4.92 -12.04
C ALA E 217 8.18 -5.37 -13.49
N ALA E 218 7.73 -4.51 -14.38
CA ALA E 218 7.77 -4.84 -15.80
C ALA E 218 9.19 -4.73 -16.33
N LYS E 219 9.43 -5.41 -17.44
CA LYS E 219 10.74 -5.38 -18.09
C LYS E 219 10.77 -4.23 -19.09
N ASP E 220 11.80 -4.20 -19.93
CA ASP E 220 12.01 -3.07 -20.84
C ASP E 220 11.42 -3.31 -22.23
N ASP E 221 10.47 -4.23 -22.35
CA ASP E 221 9.71 -4.38 -23.59
C ASP E 221 8.22 -4.38 -23.35
N PHE E 222 7.78 -3.76 -22.25
CA PHE E 222 6.37 -3.68 -21.93
C PHE E 222 5.78 -2.50 -22.69
N SER E 223 4.79 -2.75 -23.52
CA SER E 223 4.25 -1.75 -24.44
C SER E 223 2.77 -1.51 -24.18
N LEU E 224 2.31 -0.31 -24.55
CA LEU E 224 0.95 0.14 -24.28
C LEU E 224 0.44 0.93 -25.47
N ARG E 225 -0.89 0.96 -25.63
CA ARG E 225 -1.49 1.57 -26.82
C ARG E 225 -2.94 1.96 -26.55
N LEU E 226 -3.43 2.97 -27.28
CA LEU E 226 -4.82 3.42 -27.33
C LEU E 226 -5.34 3.89 -25.97
N MET E 227 -4.93 5.09 -25.56
CA MET E 227 -5.29 5.63 -24.25
C MET E 227 -6.80 5.81 -24.07
N ARG E 228 -7.28 5.42 -22.89
CA ARG E 228 -8.66 5.61 -22.46
C ARG E 228 -8.64 6.20 -21.05
N ASP E 229 -9.81 6.27 -20.41
CA ASP E 229 -9.96 6.86 -19.09
C ASP E 229 -10.19 5.79 -18.02
N SER E 230 -9.60 5.99 -16.85
CA SER E 230 -9.58 4.96 -15.83
C SER E 230 -10.75 5.11 -14.88
N PRO E 231 -11.39 4.02 -14.50
CA PRO E 231 -12.55 4.08 -13.59
C PRO E 231 -12.20 4.02 -12.11
N ASP E 232 -10.94 4.30 -11.73
CA ASP E 232 -10.39 3.84 -10.46
C ASP E 232 -11.02 4.53 -9.24
N ILE E 233 -11.25 5.84 -9.30
CA ILE E 233 -11.81 6.55 -8.15
C ILE E 233 -13.29 6.23 -7.98
N GLY E 234 -14.06 6.47 -9.02
CA GLY E 234 -15.51 6.58 -8.88
C GLY E 234 -15.92 7.82 -9.63
N GLN E 235 -17.20 7.93 -9.99
CA GLN E 235 -17.66 8.99 -10.89
C GLN E 235 -17.50 10.38 -10.30
N LEU E 236 -18.34 10.71 -9.32
CA LEU E 236 -18.29 12.00 -8.64
C LEU E 236 -19.06 11.87 -7.32
N ASP E 237 -18.58 12.58 -6.30
CA ASP E 237 -19.24 12.62 -5.01
C ASP E 237 -19.37 14.07 -4.55
N HIS E 238 -19.79 14.25 -3.30
CA HIS E 238 -19.94 15.58 -2.72
C HIS E 238 -18.58 16.20 -2.42
N LEU E 239 -18.28 17.31 -3.09
CA LEU E 239 -17.14 18.15 -2.75
C LEU E 239 -17.65 19.27 -1.86
N HIS E 240 -16.93 19.52 -0.75
CA HIS E 240 -17.43 20.39 0.30
C HIS E 240 -17.57 21.84 -0.13
N ALA E 241 -16.59 22.36 -0.86
CA ALA E 241 -16.68 23.70 -1.43
C ALA E 241 -16.48 23.58 -2.94
N ALA E 242 -17.54 23.22 -3.64
CA ALA E 242 -17.41 22.82 -5.05
C ALA E 242 -17.41 24.00 -6.00
N GLU E 243 -17.64 25.19 -5.47
CA GLU E 243 -17.66 26.40 -6.27
C GLU E 243 -16.95 27.50 -5.55
N ALA E 244 -15.68 27.26 -5.22
CA ALA E 244 -14.87 28.27 -4.57
C ALA E 244 -14.65 29.44 -5.51
N ALA E 245 -14.41 29.11 -6.78
CA ALA E 245 -14.14 30.08 -7.82
C ALA E 245 -15.26 31.07 -8.15
N TYR E 246 -16.49 30.58 -8.21
CA TYR E 246 -17.63 31.43 -8.56
C TYR E 246 -17.97 32.58 -7.60
N GLN E 247 -17.90 32.34 -6.29
CA GLN E 247 -18.18 33.41 -5.33
C GLN E 247 -16.89 33.98 -4.75
#